data_3P4D
# 
_entry.id   3P4D 
# 
_audit_conform.dict_name       mmcif_pdbx.dic 
_audit_conform.dict_version    5.379 
_audit_conform.dict_location   http://mmcif.pdb.org/dictionaries/ascii/mmcif_pdbx.dic 
# 
loop_
_database_2.database_id 
_database_2.database_code 
_database_2.pdbx_database_accession 
_database_2.pdbx_DOI 
PDB   3P4D         pdb_00003p4d 10.2210/pdb3p4d/pdb 
NDB   NA0812       ?            ?                   
RCSB  RCSB061940   ?            ?                   
WWPDB D_1000061940 ?            ?                   
# 
loop_
_pdbx_database_related.db_name 
_pdbx_database_related.db_id 
_pdbx_database_related.details 
_pdbx_database_related.content_type 
PDB 3P4B . unspecified 
PDB 3P4C . unspecified 
# 
_pdbx_database_status.status_code                     REL 
_pdbx_database_status.entry_id                        3P4D 
_pdbx_database_status.recvd_initial_deposition_date   2010-10-06 
_pdbx_database_status.deposit_site                    RCSB 
_pdbx_database_status.process_site                    RCSB 
_pdbx_database_status.status_code_sf                  REL 
_pdbx_database_status.status_code_mr                  ? 
_pdbx_database_status.SG_entry                        ? 
_pdbx_database_status.status_code_cs                  ? 
_pdbx_database_status.pdb_format_compatible           Y 
_pdbx_database_status.status_code_nmr_data            ? 
_pdbx_database_status.methods_development_category    ? 
# 
loop_
_audit_author.name 
_audit_author.pdbx_ordinal 
'Pallan, P.S.'  1 
'Greene, E.M.'  2 
'Jicman, P.A.'  3 
'Pandey, R.K.'  4 
'Manoharan, M.' 5 
'Rozners, E.'   6 
'Egli, M.'      7 
# 
_citation.id                        primary 
_citation.title                     
;Unexpected origins of the enhanced pairing affinity of 2'-fluoro-modified RNA.
;
_citation.journal_abbrev            'Nucleic Acids Res.' 
_citation.journal_volume            39 
_citation.page_first                3482 
_citation.page_last                 3495 
_citation.year                      2011 
_citation.journal_id_ASTM           NARHAD 
_citation.country                   UK 
_citation.journal_id_ISSN           0305-1048 
_citation.journal_id_CSD            0389 
_citation.book_publisher            ? 
_citation.pdbx_database_id_PubMed   21183463 
_citation.pdbx_database_id_DOI      10.1093/nar/gkq1270 
# 
loop_
_citation_author.citation_id 
_citation_author.name 
_citation_author.ordinal 
_citation_author.identifier_ORCID 
primary 'Pallan, P.S.'  1 ? 
primary 'Greene, E.M.'  2 ? 
primary 'Jicman, P.A.'  3 ? 
primary 'Pandey, R.K.'  4 ? 
primary 'Manoharan, M.' 5 ? 
primary 'Rozners, E.'   6 ? 
primary 'Egli, M.'      7 ? 
# 
_cell.entry_id           3P4D 
_cell.length_a           41.630 
_cell.length_b           41.630 
_cell.length_c           126.489 
_cell.angle_alpha        90.00 
_cell.angle_beta         90.00 
_cell.angle_gamma        120.00 
_cell.Z_PDB              36 
_cell.pdbx_unique_axis   ? 
_cell.length_a_esd       ? 
_cell.length_b_esd       ? 
_cell.length_c_esd       ? 
_cell.angle_alpha_esd    ? 
_cell.angle_beta_esd     ? 
_cell.angle_gamma_esd    ? 
# 
_symmetry.entry_id                         3P4D 
_symmetry.space_group_name_H-M             'H 3 2' 
_symmetry.pdbx_full_space_group_name_H-M   ? 
_symmetry.cell_setting                     ? 
_symmetry.Int_Tables_number                155 
_symmetry.space_group_name_Hall            ? 
# 
loop_
_entity.id 
_entity.type 
_entity.src_method 
_entity.pdbx_description 
_entity.formula_weight 
_entity.pdbx_number_of_molecules 
_entity.pdbx_ec 
_entity.pdbx_mutation 
_entity.pdbx_fragment 
_entity.details 
1 polymer syn "5'-R(*(CFZ)P*CP*(CFZ)P*CP*(GF2)P*GP*(GF2)P*G)-3'" 2564.557 2  ? ? ? ? 
2 water   nat water                                              18.015   28 ? ? ? ? 
# 
_entity_poly.entity_id                      1 
_entity_poly.type                           polyribonucleotide 
_entity_poly.nstd_linkage                   no 
_entity_poly.nstd_monomer                   yes 
_entity_poly.pdbx_seq_one_letter_code       '(CFZ)C(CFZ)C(GF2)G(GF2)G' 
_entity_poly.pdbx_seq_one_letter_code_can   XCXCXGXG 
_entity_poly.pdbx_strand_id                 A,B 
_entity_poly.pdbx_target_identifier         ? 
# 
loop_
_entity_poly_seq.entity_id 
_entity_poly_seq.num 
_entity_poly_seq.mon_id 
_entity_poly_seq.hetero 
1 1 CFZ n 
1 2 C   n 
1 3 CFZ n 
1 4 C   n 
1 5 GF2 n 
1 6 G   n 
1 7 GF2 n 
1 8 G   n 
# 
_pdbx_entity_src_syn.entity_id              1 
_pdbx_entity_src_syn.pdbx_src_id            1 
_pdbx_entity_src_syn.pdbx_alt_source_flag   sample 
_pdbx_entity_src_syn.pdbx_beg_seq_num       ? 
_pdbx_entity_src_syn.pdbx_end_seq_num       ? 
_pdbx_entity_src_syn.organism_scientific    ? 
_pdbx_entity_src_syn.organism_common_name   ? 
_pdbx_entity_src_syn.ncbi_taxonomy_id       ? 
_pdbx_entity_src_syn.details                'Chemically synthesized modified RNA octamer' 
# 
_struct_ref.id                         1 
_struct_ref.db_name                    PDB 
_struct_ref.db_code                    3P4D 
_struct_ref.pdbx_db_accession          3P4D 
_struct_ref.entity_id                  1 
_struct_ref.pdbx_align_begin           ? 
_struct_ref.pdbx_seq_one_letter_code   XCXCXGXG 
_struct_ref.pdbx_db_isoform            ? 
# 
loop_
_struct_ref_seq.align_id 
_struct_ref_seq.ref_id 
_struct_ref_seq.pdbx_PDB_id_code 
_struct_ref_seq.pdbx_strand_id 
_struct_ref_seq.seq_align_beg 
_struct_ref_seq.pdbx_seq_align_beg_ins_code 
_struct_ref_seq.seq_align_end 
_struct_ref_seq.pdbx_seq_align_end_ins_code 
_struct_ref_seq.pdbx_db_accession 
_struct_ref_seq.db_align_beg 
_struct_ref_seq.pdbx_db_align_beg_ins_code 
_struct_ref_seq.db_align_end 
_struct_ref_seq.pdbx_db_align_end_ins_code 
_struct_ref_seq.pdbx_auth_seq_align_beg 
_struct_ref_seq.pdbx_auth_seq_align_end 
1 1 3P4D A 1 ? 8 ? 3P4D 101 ? 108 ? 101 108 
2 1 3P4D B 1 ? 8 ? 3P4D 201 ? 208 ? 201 208 
# 
loop_
_chem_comp.id 
_chem_comp.type 
_chem_comp.mon_nstd_flag 
_chem_comp.name 
_chem_comp.pdbx_synonyms 
_chem_comp.formula 
_chem_comp.formula_weight 
C   'RNA linking' y "CYTIDINE-5'-MONOPHOSPHATE"                             ? 'C9 H14 N3 O8 P'    323.197 
CFZ 'DNA linking' n 
;2'-deoxy-2'-fluorocytidine 5'-(dihydrogen phosphate)
;
? 'C9 H13 F N3 O7 P'  325.188 
G   'RNA linking' y "GUANOSINE-5'-MONOPHOSPHATE"                            ? 'C10 H14 N5 O8 P'   363.221 
GF2 'DNA linking' n 
;2'-deoxy-2'-fluoroguanosine 5'-(dihydrogen phosphate)
;
? 'C10 H13 F N5 O7 P' 365.212 
HOH non-polymer   . WATER                                                   ? 'H2 O'              18.015  
# 
_exptl.entry_id          3P4D 
_exptl.method            'X-RAY DIFFRACTION' 
_exptl.crystals_number   1 
# 
_exptl_crystal.id                    1 
_exptl_crystal.density_meas          ? 
_exptl_crystal.density_Matthews      2.06 
_exptl_crystal.density_percent_sol   40.18 
_exptl_crystal.description           ? 
_exptl_crystal.F_000                 ? 
_exptl_crystal.preparation           ? 
# 
_exptl_crystal_grow.crystal_id      1 
_exptl_crystal_grow.method          'VAPOR DIFFUSION, HANGING DROP' 
_exptl_crystal_grow.temp            291 
_exptl_crystal_grow.temp_details    ? 
_exptl_crystal_grow.pH              6.0 
_exptl_crystal_grow.pdbx_details    
;Sodium cacodylate (40 mM, pH 6.0), sodium chloride (80 mM), spermine tetrahydrochloride (12 mM), and 2-methyl-2,4-pentanediol (MPD; 10% (v/v)), equilibrated against a reservoir of MPD (1 mL, 35%), VAPOR DIFFUSION, HANGING DROP, temperature 291K
;
_exptl_crystal_grow.pdbx_pH_range   ? 
# 
_diffrn.id                     1 
_diffrn.ambient_temp           100 
_diffrn.ambient_temp_details   ? 
_diffrn.crystal_id             1 
# 
_diffrn_detector.diffrn_id              1 
_diffrn_detector.detector               CCD 
_diffrn_detector.type                   'MARMOSAIC 225 mm CCD' 
_diffrn_detector.pdbx_collection_date   2008-11-17 
_diffrn_detector.details                ? 
# 
_diffrn_radiation.diffrn_id                        1 
_diffrn_radiation.wavelength_id                    1 
_diffrn_radiation.pdbx_monochromatic_or_laue_m_l   M 
_diffrn_radiation.monochromator                    ? 
_diffrn_radiation.pdbx_diffrn_protocol             'SINGLE WAVELENGTH' 
_diffrn_radiation.pdbx_scattering_type             x-ray 
# 
_diffrn_radiation_wavelength.id           1 
_diffrn_radiation_wavelength.wavelength   0.97872 
_diffrn_radiation_wavelength.wt           1.0 
# 
_diffrn_source.diffrn_id                   1 
_diffrn_source.source                      SYNCHROTRON 
_diffrn_source.type                        'APS BEAMLINE 21-ID-F' 
_diffrn_source.pdbx_synchrotron_site       APS 
_diffrn_source.pdbx_synchrotron_beamline   21-ID-F 
_diffrn_source.pdbx_wavelength             ? 
_diffrn_source.pdbx_wavelength_list        0.97872 
# 
_reflns.entry_id                     3P4D 
_reflns.observed_criterion_sigma_I   ? 
_reflns.observed_criterion_sigma_F   ? 
_reflns.d_resolution_low             30 
_reflns.d_resolution_high            1.85 
_reflns.number_obs                   3824 
_reflns.number_all                   3843 
_reflns.percent_possible_obs         99.5 
_reflns.pdbx_Rmerge_I_obs            0.077 
_reflns.pdbx_Rsym_value              ? 
_reflns.pdbx_netI_over_sigmaI        28.5 
_reflns.B_iso_Wilson_estimate        ? 
_reflns.pdbx_redundancy              13.9 
_reflns.R_free_details               ? 
_reflns.limit_h_max                  ? 
_reflns.limit_h_min                  ? 
_reflns.limit_k_max                  ? 
_reflns.limit_k_min                  ? 
_reflns.limit_l_max                  ? 
_reflns.limit_l_min                  ? 
_reflns.observed_criterion_F_max     ? 
_reflns.observed_criterion_F_min     ? 
_reflns.pdbx_chi_squared             ? 
_reflns.pdbx_scaling_rejects         ? 
_reflns.pdbx_diffrn_id               1 
_reflns.pdbx_ordinal                 1 
# 
_reflns_shell.d_res_high             1.85 
_reflns_shell.d_res_low              1.92 
_reflns_shell.percent_possible_all   99.7 
_reflns_shell.Rmerge_I_obs           0.43 
_reflns_shell.pdbx_Rsym_value        ? 
_reflns_shell.meanI_over_sigI_obs    6.9 
_reflns_shell.pdbx_redundancy        14.1 
_reflns_shell.percent_possible_obs   ? 
_reflns_shell.number_unique_all      370 
_reflns_shell.number_measured_all    ? 
_reflns_shell.number_measured_obs    ? 
_reflns_shell.number_unique_obs      ? 
_reflns_shell.pdbx_chi_squared       ? 
_reflns_shell.pdbx_diffrn_id         ? 
_reflns_shell.pdbx_ordinal           1 
# 
_refine.entry_id                                 3P4D 
_refine.ls_number_reflns_obs                     3544 
_refine.ls_number_reflns_all                     ? 
_refine.pdbx_ls_sigma_I                          ? 
_refine.pdbx_ls_sigma_F                          0 
_refine.pdbx_data_cutoff_high_absF               ? 
_refine.pdbx_data_cutoff_low_absF                ? 
_refine.pdbx_data_cutoff_high_rms_absF           ? 
_refine.ls_d_res_low                             21.08 
_refine.ls_d_res_high                            1.85 
_refine.ls_percent_reflns_obs                    100.00 
_refine.ls_R_factor_obs                          0.21426 
_refine.ls_R_factor_all                          ? 
_refine.ls_R_factor_R_work                       0.20960 
_refine.ls_R_factor_R_free                       0.27115 
_refine.ls_R_factor_R_free_error                 ? 
_refine.ls_R_factor_R_free_error_details         ? 
_refine.ls_percent_reflns_R_free                 7.3 
_refine.ls_number_reflns_R_free                  280 
_refine.ls_number_parameters                     ? 
_refine.ls_number_restraints                     ? 
_refine.occupancy_min                            ? 
_refine.occupancy_max                            ? 
_refine.correlation_coeff_Fo_to_Fc               0.961 
_refine.correlation_coeff_Fo_to_Fc_free          0.949 
_refine.B_iso_mean                               32.878 
_refine.aniso_B[1][1]                            -1.15 
_refine.aniso_B[2][2]                            -1.15 
_refine.aniso_B[3][3]                            1.73 
_refine.aniso_B[1][2]                            -0.58 
_refine.aniso_B[1][3]                            0.00 
_refine.aniso_B[2][3]                            0.00 
_refine.solvent_model_details                    MASK 
_refine.solvent_model_param_ksol                 ? 
_refine.solvent_model_param_bsol                 ? 
_refine.pdbx_solvent_vdw_probe_radii             1.40 
_refine.pdbx_solvent_ion_probe_radii             0.80 
_refine.pdbx_solvent_shrinkage_radii             0.80 
_refine.pdbx_ls_cross_valid_method               THROUGHOUT 
_refine.details                                  ? 
_refine.pdbx_starting_model                      'PDB ENTRY 1RXB' 
_refine.pdbx_method_to_determine_struct          'MOLECULAR REPLACEMENT' 
_refine.pdbx_isotropic_thermal_model             ? 
_refine.pdbx_stereochemistry_target_values       'MAXIMUM LIKELIHOOD' 
_refine.pdbx_stereochem_target_val_spec_case     ? 
_refine.pdbx_R_Free_selection_details            RANDOM 
_refine.pdbx_overall_ESU_R_Free                  0.166 
_refine.overall_SU_ML                            0.122 
_refine.overall_SU_B                             8.824 
_refine.overall_SU_R_Cruickshank_DPI             ? 
_refine.ls_redundancy_reflns_obs                 ? 
_refine.B_iso_min                                ? 
_refine.B_iso_max                                ? 
_refine.overall_SU_R_free                        ? 
_refine.ls_wR_factor_R_free                      ? 
_refine.ls_wR_factor_R_work                      ? 
_refine.overall_FOM_free_R_set                   ? 
_refine.overall_FOM_work_R_set                   ? 
_refine.pdbx_overall_phase_error                 ? 
_refine.pdbx_refine_id                           'X-RAY DIFFRACTION' 
_refine.pdbx_overall_ESU_R                       ? 
_refine.pdbx_diffrn_id                           1 
_refine.pdbx_TLS_residual_ADP_flag               ? 
_refine.pdbx_overall_SU_R_free_Cruickshank_DPI   ? 
_refine.pdbx_overall_SU_R_Blow_DPI               ? 
_refine.pdbx_overall_SU_R_free_Blow_DPI          ? 
# 
_refine_hist.pdbx_refine_id                   'X-RAY DIFFRACTION' 
_refine_hist.cycle_id                         LAST 
_refine_hist.pdbx_number_atoms_protein        0 
_refine_hist.pdbx_number_atoms_nucleic_acid   338 
_refine_hist.pdbx_number_atoms_ligand         0 
_refine_hist.number_atoms_solvent             28 
_refine_hist.number_atoms_total               366 
_refine_hist.d_res_high                       1.85 
_refine_hist.d_res_low                        21.08 
# 
loop_
_refine_ls_restr.type 
_refine_ls_restr.dev_ideal 
_refine_ls_restr.dev_ideal_target 
_refine_ls_restr.weight 
_refine_ls_restr.number 
_refine_ls_restr.pdbx_refine_id 
_refine_ls_restr.pdbx_restraint_function 
r_bond_refined_d     0.011 0.021 ? 376 'X-RAY DIFFRACTION' ? 
r_angle_refined_deg  2.124 3.000 ? 584 'X-RAY DIFFRACTION' ? 
r_chiral_restr       0.103 0.200 ? 78  'X-RAY DIFFRACTION' ? 
r_gen_planes_refined 0.015 0.020 ? 168 'X-RAY DIFFRACTION' ? 
r_scbond_it          2.175 3.000 ? 376 'X-RAY DIFFRACTION' ? 
r_scangle_it         2.765 4.500 ? 584 'X-RAY DIFFRACTION' ? 
# 
_refine_ls_shell.pdbx_total_number_of_bins_used   20 
_refine_ls_shell.d_res_high                       1.85 
_refine_ls_shell.d_res_low                        1.896 
_refine_ls_shell.number_reflns_R_work             243 
_refine_ls_shell.R_factor_R_work                  0.243 
_refine_ls_shell.percent_reflns_obs               100.00 
_refine_ls_shell.R_factor_R_free                  0.351 
_refine_ls_shell.R_factor_R_free_error            ? 
_refine_ls_shell.percent_reflns_R_free            ? 
_refine_ls_shell.number_reflns_R_free             23 
_refine_ls_shell.number_reflns_all                ? 
_refine_ls_shell.R_factor_all                     ? 
_refine_ls_shell.number_reflns_obs                243 
_refine_ls_shell.redundancy_reflns_obs            ? 
_refine_ls_shell.pdbx_refine_id                   'X-RAY DIFFRACTION' 
# 
_struct.entry_id                  3P4D 
_struct.title                     
;Alternatingly modified 2'Fluoro RNA octamer f/rC4G4
;
_struct.pdbx_model_details        ? 
_struct.pdbx_CASP_flag            ? 
_struct.pdbx_model_type_details   ? 
# 
_struct_keywords.entry_id        3P4D 
_struct_keywords.pdbx_keywords   RNA 
_struct_keywords.text            
;RNA, 2'-FLUORO-RNA, O2'-MODIFICATION, OCTAMER, 2'-fluoro 2'-deoxycytidine, 2'-fluoro 2'-deoxyguanosine, siRNA
;
# 
loop_
_struct_asym.id 
_struct_asym.pdbx_blank_PDB_chainid_flag 
_struct_asym.pdbx_modified 
_struct_asym.entity_id 
_struct_asym.details 
A N N 1 ? 
B N N 1 ? 
C N N 2 ? 
D N N 2 ? 
# 
_struct_biol.id        1 
_struct_biol.details   ? 
# 
loop_
_struct_conn.id 
_struct_conn.conn_type_id 
_struct_conn.pdbx_leaving_atom_flag 
_struct_conn.pdbx_PDB_id 
_struct_conn.ptnr1_label_asym_id 
_struct_conn.ptnr1_label_comp_id 
_struct_conn.ptnr1_label_seq_id 
_struct_conn.ptnr1_label_atom_id 
_struct_conn.pdbx_ptnr1_label_alt_id 
_struct_conn.pdbx_ptnr1_PDB_ins_code 
_struct_conn.pdbx_ptnr1_standard_comp_id 
_struct_conn.ptnr1_symmetry 
_struct_conn.ptnr2_label_asym_id 
_struct_conn.ptnr2_label_comp_id 
_struct_conn.ptnr2_label_seq_id 
_struct_conn.ptnr2_label_atom_id 
_struct_conn.pdbx_ptnr2_label_alt_id 
_struct_conn.pdbx_ptnr2_PDB_ins_code 
_struct_conn.ptnr1_auth_asym_id 
_struct_conn.ptnr1_auth_comp_id 
_struct_conn.ptnr1_auth_seq_id 
_struct_conn.ptnr2_auth_asym_id 
_struct_conn.ptnr2_auth_comp_id 
_struct_conn.ptnr2_auth_seq_id 
_struct_conn.ptnr2_symmetry 
_struct_conn.pdbx_ptnr3_label_atom_id 
_struct_conn.pdbx_ptnr3_label_seq_id 
_struct_conn.pdbx_ptnr3_label_comp_id 
_struct_conn.pdbx_ptnr3_label_asym_id 
_struct_conn.pdbx_ptnr3_label_alt_id 
_struct_conn.pdbx_ptnr3_PDB_ins_code 
_struct_conn.details 
_struct_conn.pdbx_dist_value 
_struct_conn.pdbx_value_order 
_struct_conn.pdbx_role 
covale1  covale both ? A CFZ 1 "O3'" ? ? ? 1_555 A C   2 P ? ? A CFZ 101 A C   102 1_555 ? ? ? ? ? ? ? 1.595 ? ? 
covale2  covale both ? A C   2 "O3'" ? ? ? 1_555 A CFZ 3 P ? ? A C   102 A CFZ 103 1_555 ? ? ? ? ? ? ? 1.588 ? ? 
covale3  covale both ? A CFZ 3 "O3'" ? ? ? 1_555 A C   4 P ? ? A CFZ 103 A C   104 1_555 ? ? ? ? ? ? ? 1.596 ? ? 
covale4  covale both ? A C   4 "O3'" ? ? ? 1_555 A GF2 5 P ? ? A C   104 A GF2 105 1_555 ? ? ? ? ? ? ? 1.585 ? ? 
covale5  covale one  ? A GF2 5 "O3'" ? ? ? 1_555 A G   6 P ? ? A GF2 105 A G   106 1_555 ? ? ? ? ? ? ? 1.588 ? ? 
covale6  covale both ? A G   6 "O3'" ? ? ? 1_555 A GF2 7 P ? ? A G   106 A GF2 107 1_555 ? ? ? ? ? ? ? 1.598 ? ? 
covale7  covale one  ? A GF2 7 "O3'" ? ? ? 1_555 A G   8 P ? ? A GF2 107 A G   108 1_555 ? ? ? ? ? ? ? 1.596 ? ? 
covale8  covale both ? B CFZ 1 "O3'" ? ? ? 1_555 B C   2 P ? ? B CFZ 201 B C   202 1_555 ? ? ? ? ? ? ? 1.606 ? ? 
covale9  covale both ? B C   2 "O3'" ? ? ? 1_555 B CFZ 3 P ? ? B C   202 B CFZ 203 1_555 ? ? ? ? ? ? ? 1.601 ? ? 
covale10 covale both ? B CFZ 3 "O3'" ? ? ? 1_555 B C   4 P ? ? B CFZ 203 B C   204 1_555 ? ? ? ? ? ? ? 1.573 ? ? 
covale11 covale both ? B C   4 "O3'" ? ? ? 1_555 B GF2 5 P ? ? B C   204 B GF2 205 1_555 ? ? ? ? ? ? ? 1.582 ? ? 
covale12 covale one  ? B GF2 5 "O3'" ? ? ? 1_555 B G   6 P ? ? B GF2 205 B G   206 1_555 ? ? ? ? ? ? ? 1.579 ? ? 
covale13 covale both ? B G   6 "O3'" ? ? ? 1_555 B GF2 7 P ? ? B G   206 B GF2 207 1_555 ? ? ? ? ? ? ? 1.582 ? ? 
covale14 covale one  ? B GF2 7 "O3'" ? ? ? 1_555 B G   8 P ? ? B GF2 207 B G   208 1_555 ? ? ? ? ? ? ? 1.569 ? ? 
# 
_struct_conn_type.id          covale 
_struct_conn_type.criteria    ? 
_struct_conn_type.reference   ? 
# 
_atom_sites.entry_id                    3P4D 
_atom_sites.fract_transf_matrix[1][1]   -0.02466523 
_atom_sites.fract_transf_matrix[1][2]   0.00955455 
_atom_sites.fract_transf_matrix[1][3]   -0.00834831 
_atom_sites.fract_transf_matrix[2][1]   -0.01676694 
_atom_sites.fract_transf_matrix[2][2]   -0.01617472 
_atom_sites.fract_transf_matrix[2][3]   -0.01505289 
_atom_sites.fract_transf_matrix[3][1]   -0.00330891 
_atom_sites.fract_transf_matrix[3][2]   -0.00274470 
_atom_sites.fract_transf_matrix[3][3]   0.00663495 
_atom_sites.fract_transf_vector[1]      0.387214 
_atom_sites.fract_transf_vector[2]      0.260830 
_atom_sites.fract_transf_vector[3]      0.077827 
# 
loop_
_atom_type.symbol 
C 
F 
N 
O 
P 
# 
loop_
_atom_site.group_PDB 
_atom_site.id 
_atom_site.type_symbol 
_atom_site.label_atom_id 
_atom_site.label_alt_id 
_atom_site.label_comp_id 
_atom_site.label_asym_id 
_atom_site.label_entity_id 
_atom_site.label_seq_id 
_atom_site.pdbx_PDB_ins_code 
_atom_site.Cartn_x 
_atom_site.Cartn_y 
_atom_site.Cartn_z 
_atom_site.occupancy 
_atom_site.B_iso_or_equiv 
_atom_site.pdbx_formal_charge 
_atom_site.auth_seq_id 
_atom_site.auth_comp_id 
_atom_site.auth_asym_id 
_atom_site.auth_atom_id 
_atom_site.pdbx_PDB_model_num 
HETATM 1   N N1    . CFZ A 1 1 ? 9.784   -3.134  -4.633  1.00 32.33 ? 101 CFZ A N1    1 
HETATM 2   C C2    . CFZ A 1 1 ? 9.862   -1.742  -4.745  1.00 31.72 ? 101 CFZ A C2    1 
HETATM 3   O O2    . CFZ A 1 1 ? 10.848  -1.199  -4.300  1.00 32.77 ? 101 CFZ A O2    1 
HETATM 4   N N3    . CFZ A 1 1 ? 8.900   -1.042  -5.388  1.00 29.06 ? 101 CFZ A N3    1 
HETATM 5   C C4    . CFZ A 1 1 ? 7.882   -1.690  -5.903  1.00 30.81 ? 101 CFZ A C4    1 
HETATM 6   N N4    . CFZ A 1 1 ? 6.953   -1.009  -6.547  1.00 29.59 ? 101 CFZ A N4    1 
HETATM 7   C C5    . CFZ A 1 1 ? 7.755   -3.101  -5.786  1.00 33.76 ? 101 CFZ A C5    1 
HETATM 8   C C6    . CFZ A 1 1 ? 8.702   -3.769  -5.133  1.00 34.67 ? 101 CFZ A C6    1 
HETATM 9   C "C1'" . CFZ A 1 1 ? 10.846  -3.927  -3.962  1.00 35.13 ? 101 CFZ A "C1'" 1 
HETATM 10  C "C2'" . CFZ A 1 1 ? 10.907  -3.803  -2.448  1.00 33.52 ? 101 CFZ A "C2'" 1 
HETATM 11  F "F2'" . CFZ A 1 1 ? 12.205  -3.972  -2.038  1.00 38.02 ? 101 CFZ A "F2'" 1 
HETATM 12  C "C3'" . CFZ A 1 1 ? 10.028  -4.970  -2.034  1.00 35.03 ? 101 CFZ A "C3'" 1 
HETATM 13  O "O3'" . CFZ A 1 1 ? 10.249  -5.385  -0.713  1.00 37.01 ? 101 CFZ A "O3'" 1 
HETATM 14  C "C4'" . CFZ A 1 1 ? 10.599  -6.002  -2.986  1.00 39.61 ? 101 CFZ A "C4'" 1 
HETATM 15  O "O4'" . CFZ A 1 1 ? 10.576  -5.295  -4.250  1.00 35.14 ? 101 CFZ A "O4'" 1 
HETATM 16  C "C5'" . CFZ A 1 1 ? 9.750   -7.245  -3.111  1.00 41.16 ? 101 CFZ A "C5'" 1 
HETATM 17  O "O5'" . CFZ A 1 1 ? 8.539   -6.900  -3.743  1.00 40.78 ? 101 CFZ A "O5'" 1 
ATOM   18  P P     . C   A 1 2 ? 9.362   -4.819  0.486   1.00 38.73 ? 102 C   A P     1 
ATOM   19  O OP1   . C   A 1 2 ? 9.672   -5.666  1.670   1.00 36.54 ? 102 C   A OP1   1 
ATOM   20  O OP2   . C   A 1 2 ? 8.003   -4.643  -0.061  1.00 34.43 ? 102 C   A OP2   1 
ATOM   21  O "O5'" . C   A 1 2 ? 9.920   -3.357  0.747   1.00 33.27 ? 102 C   A "O5'" 1 
ATOM   22  C "C5'" . C   A 1 2 ? 11.207  -3.059  1.278   1.00 33.46 ? 102 C   A "C5'" 1 
ATOM   23  C "C4'" . C   A 1 2 ? 11.376  -1.568  1.116   1.00 32.58 ? 102 C   A "C4'" 1 
ATOM   24  O "O4'" . C   A 1 2 ? 11.164  -1.209  -0.273  1.00 33.03 ? 102 C   A "O4'" 1 
ATOM   25  C "C3'" . C   A 1 2 ? 10.259  -0.760  1.742   1.00 32.11 ? 102 C   A "C3'" 1 
ATOM   26  O "O3'" . C   A 1 2 ? 10.359  -0.737  3.119   1.00 34.67 ? 102 C   A "O3'" 1 
ATOM   27  C "C2'" . C   A 1 2 ? 10.469  0.598   1.090   1.00 32.14 ? 102 C   A "C2'" 1 
ATOM   28  O "O2'" . C   A 1 2 ? 11.564  1.379   1.553   1.00 35.80 ? 102 C   A "O2'" 1 
ATOM   29  C "C1'" . C   A 1 2 ? 10.688  0.126   -0.337  1.00 30.44 ? 102 C   A "C1'" 1 
ATOM   30  N N1    . C   A 1 2 ? 9.445   0.135   -1.193  1.00 29.76 ? 102 C   A N1    1 
ATOM   31  C C2    . C   A 1 2 ? 8.961   1.319   -1.751  1.00 28.61 ? 102 C   A C2    1 
ATOM   32  O O2    . C   A 1 2 ? 9.526   2.392   -1.480  1.00 29.06 ? 102 C   A O2    1 
ATOM   33  N N3    . C   A 1 2 ? 7.847   1.266   -2.545  1.00 28.08 ? 102 C   A N3    1 
ATOM   34  C C4    . C   A 1 2 ? 7.262   0.091   -2.788  1.00 24.69 ? 102 C   A C4    1 
ATOM   35  N N4    . C   A 1 2 ? 6.173   0.054   -3.557  1.00 27.88 ? 102 C   A N4    1 
ATOM   36  C C5    . C   A 1 2 ? 7.733   -1.115  -2.197  1.00 26.23 ? 102 C   A C5    1 
ATOM   37  C C6    . C   A 1 2 ? 8.823   -1.058  -1.439  1.00 28.09 ? 102 C   A C6    1 
HETATM 38  P P     . CFZ A 1 3 ? 9.052   -0.633  4.015   1.00 34.13 ? 103 CFZ A P     1 
HETATM 39  N N1    . CFZ A 1 3 ? 6.763   3.231   1.192   1.00 23.66 ? 103 CFZ A N1    1 
HETATM 40  C C2    . CFZ A 1 3 ? 5.771   3.815   0.419   1.00 24.43 ? 103 CFZ A C2    1 
HETATM 41  O O2    . CFZ A 1 3 ? 5.631   5.036   0.502   1.00 21.87 ? 103 CFZ A O2    1 
HETATM 42  N N3    . CFZ A 1 3 ? 4.982   3.021   -0.341  1.00 22.30 ? 103 CFZ A N3    1 
HETATM 43  C C4    . CFZ A 1 3 ? 5.201   1.700   -0.336  1.00 21.80 ? 103 CFZ A C4    1 
HETATM 44  N N4    . CFZ A 1 3 ? 4.429   0.916   -1.085  1.00 25.63 ? 103 CFZ A N4    1 
HETATM 45  C C5    . CFZ A 1 3 ? 6.212   1.076   0.459   1.00 24.30 ? 103 CFZ A C5    1 
HETATM 46  C C6    . CFZ A 1 3 ? 6.978   1.886   1.199   1.00 24.78 ? 103 CFZ A C6    1 
HETATM 47  C "C1'" . CFZ A 1 3 ? 7.638   4.122   1.982   1.00 26.69 ? 103 CFZ A "C1'" 1 
HETATM 48  O O1P   . CFZ A 1 3 ? 9.429   -0.898  5.401   1.00 32.75 ? 103 CFZ A O1P   1 
HETATM 49  C "C2'" . CFZ A 1 3 ? 7.029   4.630   3.266   1.00 30.16 ? 103 CFZ A "C2'" 1 
HETATM 50  F "F2'" . CFZ A 1 3 ? 7.655   5.832   3.536   1.00 32.28 ? 103 CFZ A "F2'" 1 
HETATM 51  O O2P   . CFZ A 1 3 ? 7.951   -1.365  3.355   1.00 30.26 ? 103 CFZ A O2P   1 
HETATM 52  C "C3'" . CFZ A 1 3 ? 7.442   3.492   4.188   1.00 30.55 ? 103 CFZ A "C3'" 1 
HETATM 53  O "O3'" . CFZ A 1 3 ? 7.342   3.921   5.504   1.00 33.04 ? 103 CFZ A "O3'" 1 
HETATM 54  C "C4'" . CFZ A 1 3 ? 8.902   3.314   3.785   1.00 31.13 ? 103 CFZ A "C4'" 1 
HETATM 55  O "O4'" . CFZ A 1 3 ? 8.829   3.443   2.345   1.00 31.15 ? 103 CFZ A "O4'" 1 
HETATM 56  C "C5'" . CFZ A 1 3 ? 9.595   2.011   4.155   1.00 31.17 ? 103 CFZ A "C5'" 1 
HETATM 57  O "O5'" . CFZ A 1 3 ? 8.706   0.915   3.887   1.00 31.55 ? 103 CFZ A "O5'" 1 
ATOM   58  P P     . C   A 1 4 ? 6.039   3.560   6.350   1.00 31.55 ? 104 C   A P     1 
ATOM   59  O OP1   . C   A 1 4 ? 6.379   3.840   7.738   1.00 35.48 ? 104 C   A OP1   1 
ATOM   60  O OP2   . C   A 1 4 ? 5.503   2.240   5.979   1.00 29.75 ? 104 C   A OP2   1 
ATOM   61  O "O5'" . C   A 1 4 ? 4.967   4.617   5.833   1.00 30.17 ? 104 C   A "O5'" 1 
ATOM   62  C "C5'" . C   A 1 4 ? 5.129   6.016   5.948   1.00 30.51 ? 104 C   A "C5'" 1 
ATOM   63  C "C4'" . C   A 1 4 ? 3.935   6.754   5.353   1.00 30.75 ? 104 C   A "C4'" 1 
ATOM   64  O "O4'" . C   A 1 4 ? 4.025   6.606   3.924   1.00 29.51 ? 104 C   A "O4'" 1 
ATOM   65  C "C3'" . C   A 1 4 ? 2.554   6.209   5.653   1.00 28.52 ? 104 C   A "C3'" 1 
ATOM   66  O "O3'" . C   A 1 4 ? 2.067   6.693   6.868   1.00 35.09 ? 104 C   A "O3'" 1 
ATOM   67  C "C2'" . C   A 1 4 ? 1.757   6.851   4.528   1.00 30.63 ? 104 C   A "C2'" 1 
ATOM   68  O "O2'" . C   A 1 4 ? 1.680   8.249   4.722   1.00 30.27 ? 104 C   A "O2'" 1 
ATOM   69  C "C1'" . C   A 1 4 ? 2.716   6.551   3.382   1.00 27.86 ? 104 C   A "C1'" 1 
ATOM   70  N N1    . C   A 1 4 ? 2.510   5.217   2.732   1.00 29.28 ? 104 C   A N1    1 
ATOM   71  C C2    . C   A 1 4 ? 1.521   5.126   1.749   1.00 27.75 ? 104 C   A C2    1 
ATOM   72  O O2    . C   A 1 4 ? 0.823   6.136   1.513   1.00 27.98 ? 104 C   A O2    1 
ATOM   73  N N3    . C   A 1 4 ? 1.302   3.927   1.169   1.00 25.75 ? 104 C   A N3    1 
ATOM   74  C C4    . C   A 1 4 ? 2.057   2.870   1.470   1.00 25.53 ? 104 C   A C4    1 
ATOM   75  N N4    . C   A 1 4 ? 1.775   1.712   0.857   1.00 26.13 ? 104 C   A N4    1 
ATOM   76  C C5    . C   A 1 4 ? 3.047   2.937   2.475   1.00 24.76 ? 104 C   A C5    1 
ATOM   77  C C6    . C   A 1 4 ? 3.269   4.126   3.054   1.00 26.75 ? 104 C   A C6    1 
HETATM 78  F F     . GF2 A 1 5 ? -4.807  6.677   4.785   1.00 33.17 ? 105 GF2 A F     1 
HETATM 79  P P     . GF2 A 1 5 ? 1.137   5.706   7.689   1.00 36.59 ? 105 GF2 A P     1 
HETATM 80  N N1    . GF2 A 1 5 ? -3.252  1.844   0.996   1.00 28.93 ? 105 GF2 A N1    1 
HETATM 81  C C2    . GF2 A 1 5 ? -4.041  2.937   1.105   1.00 28.90 ? 105 GF2 A C2    1 
HETATM 82  N N2    . GF2 A 1 5 ? -5.162  2.959   0.333   1.00 25.44 ? 105 GF2 A N2    1 
HETATM 83  N N3    . GF2 A 1 5 ? -3.765  3.971   1.929   1.00 31.28 ? 105 GF2 A N3    1 
HETATM 84  C C4    . GF2 A 1 5 ? -2.619  3.789   2.642   1.00 28.90 ? 105 GF2 A C4    1 
HETATM 85  C C5    . GF2 A 1 5 ? -1.760  2.724   2.589   1.00 27.25 ? 105 GF2 A C5    1 
HETATM 86  C C6    . GF2 A 1 5 ? -2.105  1.619   1.672   1.00 28.60 ? 105 GF2 A C6    1 
HETATM 87  O O6    . GF2 A 1 5 ? -1.391  0.486   1.489   1.00 26.87 ? 105 GF2 A O6    1 
HETATM 88  N N7    . GF2 A 1 5 ? -0.719  2.865   3.434   1.00 29.53 ? 105 GF2 A N7    1 
HETATM 89  C C8    . GF2 A 1 5 ? -0.970  4.065   3.990   1.00 26.38 ? 105 GF2 A C8    1 
HETATM 90  N N9    . GF2 A 1 5 ? -2.087  4.634   3.532   1.00 28.25 ? 105 GF2 A N9    1 
HETATM 91  C "C1'" . GF2 A 1 5 ? -2.695  5.921   3.945   1.00 29.47 ? 105 GF2 A "C1'" 1 
HETATM 92  O OP2   . GF2 A 1 5 ? 1.640   4.325   7.559   1.00 35.91 ? 105 GF2 A OP2   1 
HETATM 93  C "C2'" . GF2 A 1 5 ? -3.848  5.689   4.910   1.00 31.85 ? 105 GF2 A "C2'" 1 
HETATM 94  O OP1   . GF2 A 1 5 ? 0.931   6.338   9.012   1.00 39.88 ? 105 GF2 A OP1   1 
HETATM 95  C "C3'" . GF2 A 1 5 ? -3.068  5.712   6.207   1.00 32.49 ? 105 GF2 A "C3'" 1 
HETATM 96  O "O3'" . GF2 A 1 5 ? -3.916  5.867   7.342   1.00 36.65 ? 105 GF2 A "O3'" 1 
HETATM 97  C "C4'" . GF2 A 1 5 ? -2.172  6.926   5.979   1.00 31.44 ? 105 GF2 A "C4'" 1 
HETATM 98  O "O4'" . GF2 A 1 5 ? -1.742  6.725   4.629   1.00 29.91 ? 105 GF2 A "O4'" 1 
HETATM 99  C "C5'" . GF2 A 1 5 ? -0.974  7.016   6.919   1.00 34.05 ? 105 GF2 A "C5'" 1 
HETATM 100 O "O5'" . GF2 A 1 5 ? -0.282  5.774   6.978   1.00 35.98 ? 105 GF2 A "O5'" 1 
ATOM   101 P P     . G   A 1 6 ? -4.429  4.518   8.006   1.00 38.99 ? 106 G   A P     1 
ATOM   102 O OP1   . G   A 1 6 ? -5.171  4.940   9.216   1.00 45.84 ? 106 G   A OP1   1 
ATOM   103 O OP2   . G   A 1 6 ? -3.271  3.611   8.136   1.00 38.16 ? 106 G   A OP2   1 
ATOM   104 O "O5'" . G   A 1 6 ? -5.465  3.894   6.975   1.00 37.44 ? 106 G   A "O5'" 1 
ATOM   105 C "C5'" . G   A 1 6 ? -6.739  4.505   6.837   1.00 36.88 ? 106 G   A "C5'" 1 
ATOM   106 C "C4'" . G   A 1 6 ? -7.563  3.851   5.749   1.00 36.89 ? 106 G   A "C4'" 1 
ATOM   107 O "O4'" . G   A 1 6 ? -6.775  3.790   4.534   1.00 37.17 ? 106 G   A "O4'" 1 
ATOM   108 C "C3'" . G   A 1 6 ? -7.961  2.402   5.972   1.00 37.06 ? 106 G   A "C3'" 1 
ATOM   109 O "O3'" . G   A 1 6 ? -9.136  2.342   6.748   1.00 40.67 ? 106 G   A "O3'" 1 
ATOM   110 C "C2'" . G   A 1 6 ? -8.270  2.004   4.537   1.00 34.31 ? 106 G   A "C2'" 1 
ATOM   111 O "O2'" . G   A 1 6 ? -9.408  2.676   4.085   1.00 34.95 ? 106 G   A "O2'" 1 
ATOM   112 C "C1'" . G   A 1 6 ? -7.042  2.573   3.853   1.00 34.00 ? 106 G   A "C1'" 1 
ATOM   113 N N9    . G   A 1 6 ? -5.896  1.645   3.873   1.00 30.94 ? 106 G   A N9    1 
ATOM   114 C C8    . G   A 1 6 ? -4.711  1.705   4.561   1.00 35.74 ? 106 G   A C8    1 
ATOM   115 N N7    . G   A 1 6 ? -3.911  0.704   4.329   1.00 33.17 ? 106 G   A N7    1 
ATOM   116 C C5    . G   A 1 6 ? -4.617  -0.081  3.434   1.00 31.61 ? 106 G   A C5    1 
ATOM   117 C C6    . G   A 1 6 ? -4.275  -1.296  2.812   1.00 31.30 ? 106 G   A C6    1 
ATOM   118 O O6    . G   A 1 6 ? -3.242  -1.966  2.972   1.00 34.32 ? 106 G   A O6    1 
ATOM   119 N N1    . G   A 1 6 ? -5.282  -1.754  1.972   1.00 32.91 ? 106 G   A N1    1 
ATOM   120 C C2    . G   A 1 6 ? -6.464  -1.107  1.740   1.00 32.29 ? 106 G   A C2    1 
ATOM   121 N N2    . G   A 1 6 ? -7.321  -1.675  0.890   1.00 32.24 ? 106 G   A N2    1 
ATOM   122 N N3    . G   A 1 6 ? -6.781  0.046   2.292   1.00 32.56 ? 106 G   A N3    1 
ATOM   123 C C4    . G   A 1 6 ? -5.822  0.485   3.140   1.00 33.02 ? 106 G   A C4    1 
HETATM 124 F F     . GF2 A 1 7 ? -11.354 -3.835  4.141   1.00 48.65 ? 107 GF2 A F     1 
HETATM 125 P P     . GF2 A 1 7 ? -9.279  1.214   7.871   1.00 41.81 ? 107 GF2 A P     1 
HETATM 126 N N1    . GF2 A 1 7 ? -5.289  -5.545  3.744   1.00 36.26 ? 107 GF2 A N1    1 
HETATM 127 C C2    . GF2 A 1 7 ? -6.527  -5.643  3.198   1.00 37.91 ? 107 GF2 A C2    1 
HETATM 128 N N2    . GF2 A 1 7 ? -6.806  -6.721  2.433   1.00 39.06 ? 107 GF2 A N2    1 
HETATM 129 N N3    . GF2 A 1 7 ? -7.525  -4.768  3.393   1.00 38.92 ? 107 GF2 A N3    1 
HETATM 130 C C4    . GF2 A 1 7 ? -7.147  -3.743  4.188   1.00 38.09 ? 107 GF2 A C4    1 
HETATM 131 C C5    . GF2 A 1 7 ? -5.917  -3.534  4.790   1.00 38.36 ? 107 GF2 A C5    1 
HETATM 132 C C6    . GF2 A 1 7 ? -4.851  -4.541  4.540   1.00 34.59 ? 107 GF2 A C6    1 
HETATM 133 O O6    . GF2 A 1 7 ? -3.579  -4.559  5.002   1.00 40.82 ? 107 GF2 A O6    1 
HETATM 134 N N7    . GF2 A 1 7 ? -5.941  -2.417  5.549   1.00 35.37 ? 107 GF2 A N7    1 
HETATM 135 C C8    . GF2 A 1 7 ? -7.194  -1.960  5.355   1.00 40.08 ? 107 GF2 A C8    1 
HETATM 136 N N9    . GF2 A 1 7 ? -7.928  -2.729  4.545   1.00 38.45 ? 107 GF2 A N9    1 
HETATM 137 C "C1'" . GF2 A 1 7 ? -9.341  -2.566  4.158   1.00 39.62 ? 107 GF2 A "C1'" 1 
HETATM 138 O OP2   . GF2 A 1 7 ? -10.416 1.627   8.715   1.00 44.64 ? 107 GF2 A OP2   1 
HETATM 139 C "C2'" . GF2 A 1 7 ? -10.244 -3.529  4.907   1.00 46.31 ? 107 GF2 A "C2'" 1 
HETATM 140 O OP1   . GF2 A 1 7 ? -7.961  0.915   8.451   1.00 40.56 ? 107 GF2 A OP1   1 
HETATM 141 C "C3'" . GF2 A 1 7 ? -10.571 -2.653  6.104   1.00 45.05 ? 107 GF2 A "C3'" 1 
HETATM 142 O "O3'" . GF2 A 1 7 ? -11.760 -3.062  6.757   1.00 47.39 ? 107 GF2 A "O3'" 1 
HETATM 143 C "C4'" . GF2 A 1 7 ? -10.869 -1.352  5.396   1.00 42.79 ? 107 GF2 A "C4'" 1 
HETATM 144 O "O4'" . GF2 A 1 7 ? -9.735  -1.266  4.551   1.00 43.07 ? 107 GF2 A "O4'" 1 
HETATM 145 C "C5'" . GF2 A 1 7 ? -10.929 -0.129  6.297   1.00 38.38 ? 107 GF2 A "C5'" 1 
HETATM 146 O "O5'" . GF2 A 1 7 ? -9.708  -0.061  7.011   1.00 40.99 ? 107 GF2 A "O5'" 1 
ATOM   147 P P     . G   A 1 8 ? -11.658 -4.056  8.001   1.00 47.62 ? 108 G   A P     1 
ATOM   148 O OP1   . G   A 1 8 ? -13.005 -4.035  8.618   1.00 50.57 ? 108 G   A OP1   1 
ATOM   149 O OP2   . G   A 1 8 ? -10.445 -3.744  8.772   1.00 48.17 ? 108 G   A OP2   1 
ATOM   150 O "O5'" . G   A 1 8 ? -11.414 -5.470  7.309   1.00 49.87 ? 108 G   A "O5'" 1 
ATOM   151 C "C5'" . G   A 1 8 ? -12.335 -5.899  6.310   1.00 49.98 ? 108 G   A "C5'" 1 
ATOM   152 C "C4'" . G   A 1 8 ? -11.857 -7.213  5.737   1.00 51.37 ? 108 G   A "C4'" 1 
ATOM   153 O "O4'" . G   A 1 8 ? -10.652 -6.956  4.990   1.00 47.47 ? 108 G   A "O4'" 1 
ATOM   154 C "C3'" . G   A 1 8 ? -11.422 -8.258  6.756   1.00 53.19 ? 108 G   A "C3'" 1 
ATOM   155 O "O3'" . G   A 1 8 ? -12.568 -8.951  7.245   1.00 58.42 ? 108 G   A "O3'" 1 
ATOM   156 C "C2'" . G   A 1 8 ? -10.548 -9.130  5.862   1.00 51.24 ? 108 G   A "C2'" 1 
ATOM   157 O "O2'" . G   A 1 8 ? -11.337 -9.877  4.957   1.00 54.32 ? 108 G   A "O2'" 1 
ATOM   158 C "C1'" . G   A 1 8 ? -9.807  -8.083  5.048   1.00 47.08 ? 108 G   A "C1'" 1 
ATOM   159 N N9    . G   A 1 8 ? -8.554  -7.631  5.621   1.00 43.87 ? 108 G   A N9    1 
ATOM   160 C C8    . G   A 1 8 ? -8.350  -6.507  6.390   1.00 41.52 ? 108 G   A C8    1 
ATOM   161 N N7    . G   A 1 8 ? -7.100  -6.363  6.760   1.00 40.06 ? 108 G   A N7    1 
ATOM   162 C C5    . G   A 1 8 ? -6.455  -7.449  6.195   1.00 37.33 ? 108 G   A C5    1 
ATOM   163 C C6    . G   A 1 8 ? -5.109  -7.828  6.287   1.00 35.65 ? 108 G   A C6    1 
ATOM   164 O O6    . G   A 1 8 ? -4.195  -7.223  6.846   1.00 38.07 ? 108 G   A O6    1 
ATOM   165 N N1    . G   A 1 8 ? -4.867  -9.012  5.617   1.00 41.55 ? 108 G   A N1    1 
ATOM   166 C C2    . G   A 1 8 ? -5.814  -9.750  4.946   1.00 42.77 ? 108 G   A C2    1 
ATOM   167 N N2    . G   A 1 8 ? -5.379  -10.877 4.355   1.00 48.54 ? 108 G   A N2    1 
ATOM   168 N N3    . G   A 1 8 ? -7.103  -9.418  4.866   1.00 44.64 ? 108 G   A N3    1 
ATOM   169 C C4    . G   A 1 8 ? -7.338  -8.249  5.507   1.00 40.73 ? 108 G   A C4    1 
HETATM 170 N N1    . CFZ B 1 1 ? -0.358  -11.101 4.961   1.00 51.92 ? 201 CFZ B N1    1 
HETATM 171 C C2    . CFZ B 1 1 ? -1.702  -10.721 5.146   1.00 51.97 ? 201 CFZ B C2    1 
HETATM 172 O O2    . CFZ B 1 1 ? -2.612  -11.480 4.762   1.00 55.33 ? 201 CFZ B O2    1 
HETATM 173 N N3    . CFZ B 1 1 ? -1.976  -9.517  5.730   1.00 50.48 ? 201 CFZ B N3    1 
HETATM 174 C C4    . CFZ B 1 1 ? -0.980  -8.722  6.138   1.00 48.18 ? 201 CFZ B C4    1 
HETATM 175 N N4    . CFZ B 1 1 ? -1.324  -7.554  6.709   1.00 47.46 ? 201 CFZ B N4    1 
HETATM 176 C C5    . CFZ B 1 1 ? 0.394   -9.092  5.967   1.00 46.11 ? 201 CFZ B C5    1 
HETATM 177 C C6    . CFZ B 1 1 ? 0.654   -10.268 5.376   1.00 48.04 ? 201 CFZ B C6    1 
HETATM 178 C "C1'" . CFZ B 1 1 ? -0.066  -12.432 4.296   1.00 55.92 ? 201 CFZ B "C1'" 1 
HETATM 179 C "C2'" . CFZ B 1 1 ? -0.262  -12.424 2.780   1.00 56.13 ? 201 CFZ B "C2'" 1 
HETATM 180 F "F2'" . CFZ B 1 1 ? -0.634  -13.692 2.378   1.00 58.79 ? 201 CFZ B "F2'" 1 
HETATM 181 C "C3'" . CFZ B 1 1 ? 1.146   -12.030 2.331   1.00 56.11 ? 201 CFZ B "C3'" 1 
HETATM 182 O "O3'" . CFZ B 1 1 ? 1.421   -12.340 0.972   1.00 57.01 ? 201 CFZ B "O3'" 1 
HETATM 183 C "C4'" . CFZ B 1 1 ? 1.974   -12.929 3.235   1.00 57.74 ? 201 CFZ B "C4'" 1 
HETATM 184 O "O4'" . CFZ B 1 1 ? 1.274   -12.868 4.508   1.00 57.50 ? 201 CFZ B "O4'" 1 
HETATM 185 C "C5'" . CFZ B 1 1 ? 3.425   -12.511 3.382   1.00 56.83 ? 201 CFZ B "C5'" 1 
HETATM 186 O "O5'" . CFZ B 1 1 ? 3.478   -11.206 3.936   1.00 60.55 ? 201 CFZ B "O5'" 1 
ATOM   187 P P     . C   B 1 2 ? 1.420   -11.199 -0.159  1.00 53.80 ? 202 C   B P     1 
ATOM   188 O OP1   . C   B 1 2 ? 2.054   -11.780 -1.364  1.00 54.79 ? 202 C   B OP1   1 
ATOM   189 O OP2   . C   B 1 2 ? 1.923   -9.931  0.413   1.00 54.30 ? 202 C   B OP2   1 
ATOM   190 O "O5'" . C   B 1 2 ? -0.138  -11.018 -0.412  1.00 49.53 ? 202 C   B "O5'" 1 
ATOM   191 C "C5'" . C   B 1 2 ? -0.885  -12.100 -0.907  1.00 47.66 ? 202 C   B "C5'" 1 
ATOM   192 C "C4'" . C   B 1 2 ? -2.353  -11.778 -0.808  1.00 47.13 ? 202 C   B "C4'" 1 
ATOM   193 O "O4'" . C   B 1 2 ? -2.740  -11.636 0.583   1.00 46.29 ? 202 C   B "O4'" 1 
ATOM   194 C "C3'" . C   B 1 2 ? -2.714  -10.437 -1.411  1.00 42.37 ? 202 C   B "C3'" 1 
ATOM   195 O "O3'" . C   B 1 2 ? -2.782  -10.540 -2.814  1.00 43.56 ? 202 C   B "O3'" 1 
ATOM   196 C "C2'" . C   B 1 2 ? -4.068  -10.247 -0.753  1.00 42.38 ? 202 C   B "C2'" 1 
ATOM   197 O "O2'" . C   B 1 2 ? -5.059  -11.126 -1.248  1.00 42.98 ? 202 C   B "O2'" 1 
ATOM   198 C "C1'" . C   B 1 2 ? -3.715  -10.619 0.679   1.00 41.39 ? 202 C   B "C1'" 1 
ATOM   199 N N1    . C   B 1 2 ? -3.159  -9.506  1.494   1.00 39.07 ? 202 C   B N1    1 
ATOM   200 C C2    . C   B 1 2 ? -4.047  -8.624  2.100   1.00 39.93 ? 202 C   B C2    1 
ATOM   201 O O2    . C   B 1 2 ? -5.259  -8.782  1.894   1.00 42.35 ? 202 C   B O2    1 
ATOM   202 N N3    . C   B 1 2 ? -3.559  -7.626  2.871   1.00 40.46 ? 202 C   B N3    1 
ATOM   203 C C4    . C   B 1 2 ? -2.248  -7.473  3.020   1.00 38.65 ? 202 C   B C4    1 
ATOM   204 N N4    . C   B 1 2 ? -1.822  -6.457  3.770   1.00 39.44 ? 202 C   B N4    1 
ATOM   205 C C5    . C   B 1 2 ? -1.318  -8.358  2.413   1.00 39.53 ? 202 C   B C5    1 
ATOM   206 C C6    . C   B 1 2 ? -1.815  -9.337  1.645   1.00 40.46 ? 202 C   B C6    1 
HETATM 207 P P     . CFZ B 1 3 ? -2.516  -9.285  -3.772  1.00 44.15 ? 203 CFZ B P     1 
HETATM 208 N N1    . CFZ B 1 3 ? -5.406  -5.959  -0.849  1.00 31.20 ? 203 CFZ B N1    1 
HETATM 209 C C2    . CFZ B 1 3 ? -5.677  -4.847  -0.063  1.00 28.13 ? 203 CFZ B C2    1 
HETATM 210 O O2    . CFZ B 1 3 ? -6.829  -4.395  -0.101  1.00 33.92 ? 203 CFZ B O2    1 
HETATM 211 N N3    . CFZ B 1 3 ? -4.699  -4.320  0.716   1.00 31.11 ? 203 CFZ B N3    1 
HETATM 212 C C4    . CFZ B 1 3 ? -3.482  -4.864  0.671   1.00 29.98 ? 203 CFZ B C4    1 
HETATM 213 N N4    . CFZ B 1 3 ? -2.510  -4.350  1.441   1.00 30.15 ? 203 CFZ B N4    1 
HETATM 214 C C5    . CFZ B 1 3 ? -3.204  -5.998  -0.141  1.00 32.64 ? 203 CFZ B C5    1 
HETATM 215 C C6    . CFZ B 1 3 ? -4.172  -6.501  -0.903  1.00 31.26 ? 203 CFZ B C6    1 
HETATM 216 C "C1'" . CFZ B 1 3 ? -6.494  -6.496  -1.642  1.00 33.86 ? 203 CFZ B "C1'" 1 
HETATM 217 O O1P   . CFZ B 1 3 ? -1.434  -8.418  -3.257  1.00 43.84 ? 203 CFZ B O1P   1 
HETATM 218 C "C2'" . CFZ B 1 3 ? -6.744  -5.688  -2.907  1.00 33.64 ? 203 CFZ B "C2'" 1 
HETATM 219 F "F2'" . CFZ B 1 3 ? -8.040  -5.938  -3.301  1.00 34.81 ? 203 CFZ B "F2'" 1 
HETATM 220 O O2P   . CFZ B 1 3 ? -2.442  -9.823  -5.155  1.00 43.87 ? 203 CFZ B O2P   1 
HETATM 221 C "C3'" . CFZ B 1 3 ? -5.788  -6.396  -3.838  1.00 35.79 ? 203 CFZ B "C3'" 1 
HETATM 222 O "O3'" . CFZ B 1 3 ? -6.157  -6.140  -5.173  1.00 32.70 ? 203 CFZ B "O3'" 1 
HETATM 223 C "C4'" . CFZ B 1 3 ? -6.140  -7.847  -3.488  1.00 37.37 ? 203 CFZ B "C4'" 1 
HETATM 224 O "O4'" . CFZ B 1 3 ? -6.198  -7.825  -2.039  1.00 41.14 ? 203 CFZ B "O4'" 1 
HETATM 225 C "C5'" . CFZ B 1 3 ? -5.129  -8.882  -3.933  1.00 42.05 ? 203 CFZ B "C5'" 1 
HETATM 226 O "O5'" . CFZ B 1 3 ? -3.848  -8.409  -3.594  1.00 42.91 ? 203 CFZ B "O5'" 1 
ATOM   227 P P     . C   B 1 4 ? -5.461  -4.968  -5.959  1.00 30.86 ? 204 C   B P     1 
ATOM   228 O OP1   . C   B 1 4 ? -5.896  -5.054  -7.348  1.00 33.47 ? 204 C   B OP1   1 
ATOM   229 O OP2   . C   B 1 4 ? -4.008  -4.963  -5.645  1.00 28.81 ? 204 C   B OP2   1 
ATOM   230 O "O5'" . C   B 1 4 ? -6.086  -3.667  -5.315  1.00 27.27 ? 204 C   B "O5'" 1 
ATOM   231 C "C5'" . C   B 1 4 ? -7.449  -3.362  -5.498  1.00 27.28 ? 204 C   B "C5'" 1 
ATOM   232 C "C4'" . C   B 1 4 ? -7.751  -2.004  -4.865  1.00 24.12 ? 204 C   B "C4'" 1 
ATOM   233 O "O4'" . C   B 1 4 ? -7.722  -2.114  -3.417  1.00 25.93 ? 204 C   B "O4'" 1 
ATOM   234 C "C3'" . C   B 1 4 ? -6.779  -0.899  -5.183  1.00 24.89 ? 204 C   B "C3'" 1 
ATOM   235 O "O3'" . C   B 1 4 ? -7.132  -0.353  -6.423  1.00 25.38 ? 204 C   B "O3'" 1 
ATOM   236 C "C2'" . C   B 1 4 ? -7.135  0.064   -4.066  1.00 24.64 ? 204 C   B "C2'" 1 
ATOM   237 O "O2'" . C   B 1 4 ? -8.398  0.706   -4.239  1.00 26.72 ? 204 C   B "O2'" 1 
ATOM   238 C "C1'" . C   B 1 4 ? -7.178  -0.920  -2.901  1.00 23.61 ? 204 C   B "C1'" 1 
ATOM   239 N N1    . C   B 1 4 ? -5.832  -1.155  -2.295  1.00 26.30 ? 204 C   B N1    1 
ATOM   240 C C2    . C   B 1 4 ? -5.391  -0.224  -1.346  1.00 27.23 ? 204 C   B C2    1 
ATOM   241 O O2    . C   B 1 4 ? -6.108  0.772   -1.129  1.00 28.84 ? 204 C   B O2    1 
ATOM   242 N N3    . C   B 1 4 ? -4.162  -0.373  -0.807  1.00 26.93 ? 204 C   B N3    1 
ATOM   243 C C4    . C   B 1 4 ? -3.425  -1.446  -1.113  1.00 27.04 ? 204 C   B C4    1 
ATOM   244 N N4    . C   B 1 4 ? -2.235  -1.578  -0.527  1.00 26.29 ? 204 C   B N4    1 
ATOM   245 C C5    . C   B 1 4 ? -3.849  -2.412  -2.056  1.00 27.92 ? 204 C   B C5    1 
ATOM   246 C C6    . C   B 1 4 ? -5.058  -2.224  -2.623  1.00 29.67 ? 204 C   B C6    1 
HETATM 247 F F     . GF2 B 1 5 ? -5.207  6.379   -4.757  1.00 20.33 ? 205 GF2 B F     1 
HETATM 248 P P     . GF2 B 1 5 ? -6.045  0.213   -7.423  1.00 26.13 ? 205 GF2 B P     1 
HETATM 249 N N1    . GF2 B 1 5 ? -0.991  3.765   -0.727  1.00 25.61 ? 205 GF2 B N1    1 
HETATM 250 C C2    . GF2 B 1 5 ? -1.858  4.800   -0.841  1.00 26.62 ? 205 GF2 B C2    1 
HETATM 251 N N2    . GF2 B 1 5 ? -1.602  5.906   -0.101  1.00 24.35 ? 205 GF2 B N2    1 
HETATM 252 N N3    . GF2 B 1 5 ? -2.914  4.805   -1.671  1.00 27.20 ? 205 GF2 B N3    1 
HETATM 253 C C4    . GF2 B 1 5 ? -3.010  3.641   -2.352  1.00 24.44 ? 205 GF2 B C4    1 
HETATM 254 C C5    . GF2 B 1 5 ? -2.215  2.524   -2.266  1.00 22.75 ? 205 GF2 B C5    1 
HETATM 255 C C6    . GF2 B 1 5 ? -1.085  2.577   -1.346  1.00 24.86 ? 205 GF2 B C6    1 
HETATM 256 O O6    . GF2 B 1 5 ? -0.172  1.608   -1.159  1.00 26.56 ? 205 GF2 B O6    1 
HETATM 257 N N7    . GF2 B 1 5 ? -2.628  1.536   -3.074  1.00 25.46 ? 205 GF2 B N7    1 
HETATM 258 C C8    . GF2 B 1 5 ? -3.710  2.088   -3.643  1.00 23.59 ? 205 GF2 B C8    1 
HETATM 259 N N9    . GF2 B 1 5 ? -3.967  3.327   -3.213  1.00 23.31 ? 205 GF2 B N9    1 
HETATM 260 C "C1'" . GF2 B 1 5 ? -5.016  4.261   -3.677  1.00 21.22 ? 205 GF2 B "C1'" 1 
HETATM 261 O OP2   . GF2 B 1 5 ? -6.712  0.491   -8.689  1.00 25.61 ? 205 GF2 B OP2   1 
HETATM 262 C "C2'" . GF2 B 1 5 ? -4.464  5.238   -4.717  1.00 19.45 ? 205 GF2 B "C2'" 1 
HETATM 263 O OP1   . GF2 B 1 5 ? -4.730  -0.489  -7.348  1.00 27.46 ? 205 GF2 B OP1   1 
HETATM 264 C "C3'" . GF2 B 1 5 ? -4.616  4.431   -6.003  1.00 20.45 ? 205 GF2 B "C3'" 1 
HETATM 265 O "O3'" . GF2 B 1 5 ? -4.723  5.120   -7.256  1.00 20.64 ? 205 GF2 B "O3'" 1 
HETATM 266 C "C4'" . GF2 B 1 5 ? -5.795  3.569   -5.738  1.00 25.22 ? 205 GF2 B "C4'" 1 
HETATM 267 O "O4'" . GF2 B 1 5 ? -5.975  3.446   -4.345  1.00 24.09 ? 205 GF2 B "O4'" 1 
HETATM 268 C "C5'" . GF2 B 1 5 ? -5.168  2.203   -5.956  1.00 34.22 ? 205 GF2 B "C5'" 1 
HETATM 269 O "O5'" . GF2 B 1 5 ? -5.997  1.708   -6.907  1.00 29.28 ? 205 GF2 B "O5'" 1 
ATOM   270 P P     . G   B 1 6 ? -3.386  5.289   -8.079  1.00 25.18 ? 206 G   B P     1 
ATOM   271 O OP1   . G   B 1 6 ? -3.724  6.224   -9.159  1.00 23.41 ? 206 G   B OP1   1 
ATOM   272 O OP2   . G   B 1 6 ? -2.760  3.962   -8.296  1.00 23.44 ? 206 G   B OP2   1 
ATOM   273 O "O5'" . G   B 1 6 ? -2.398  6.133   -7.158  1.00 23.95 ? 206 G   B "O5'" 1 
ATOM   274 C "C5'" . G   B 1 6 ? -2.673  7.491   -6.921  1.00 20.22 ? 206 G   B "C5'" 1 
ATOM   275 C "C4'" . G   B 1 6 ? -1.731  8.012   -5.860  1.00 21.28 ? 206 G   B "C4'" 1 
ATOM   276 O "O4'" . G   B 1 6 ? -1.850  7.171   -4.691  1.00 22.04 ? 206 G   B "O4'" 1 
ATOM   277 C "C3'" . G   B 1 6 ? -0.222  7.968   -6.135  1.00 20.51 ? 206 G   B "C3'" 1 
ATOM   278 O "O3'" . G   B 1 6 ? 0.174   9.090   -6.929  1.00 22.06 ? 206 G   B "O3'" 1 
ATOM   279 C "C2'" . G   B 1 6 ? 0.265   8.161   -4.707  1.00 22.62 ? 206 G   B "C2'" 1 
ATOM   280 O "O2'" . G   B 1 6 ? 0.078   9.492   -4.227  1.00 23.36 ? 206 G   B "O2'" 1 
ATOM   281 C "C1'" . G   B 1 6 ? -0.639  7.181   -3.984  1.00 19.61 ? 206 G   B "C1'" 1 
ATOM   282 N N9    . G   B 1 6 ? -0.093  5.823   -3.995  1.00 21.56 ? 206 G   B N9    1 
ATOM   283 C C8    . G   B 1 6 ? -0.495  4.740   -4.721  1.00 22.94 ? 206 G   B C8    1 
ATOM   284 N N7    . G   B 1 6 ? 0.211   3.666   -4.436  1.00 23.77 ? 206 G   B N7    1 
ATOM   285 C C5    . G   B 1 6 ? 1.103   4.093   -3.448  1.00 21.94 ? 206 G   B C5    1 
ATOM   286 C C6    . G   B 1 6 ? 2.125   3.402   -2.771  1.00 23.40 ? 206 G   B C6    1 
ATOM   287 O O6    . G   B 1 6 ? 2.455   2.235   -2.916  1.00 22.12 ? 206 G   B O6    1 
ATOM   288 N N1    . G   B 1 6 ? 2.807   4.189   -1.848  1.00 23.65 ? 206 G   B N1    1 
ATOM   289 C C2    . G   B 1 6 ? 2.506   5.495   -1.586  1.00 22.16 ? 206 G   B C2    1 
ATOM   290 N N2    . G   B 1 6 ? 3.296   6.093   -0.698  1.00 23.44 ? 206 G   B N2    1 
ATOM   291 N N3    . G   B 1 6 ? 1.581   6.185   -2.245  1.00 20.67 ? 206 G   B N3    1 
ATOM   292 C C4    . G   B 1 6 ? 0.901   5.396   -3.143  1.00 17.71 ? 206 G   B C4    1 
HETATM 293 F F     . GF2 B 1 7 ? 6.323   10.193  -3.386  1.00 23.63 ? 207 GF2 B F     1 
HETATM 294 P P     . GF2 B 1 7 ? 1.569   9.065   -7.674  1.00 25.39 ? 207 GF2 B P     1 
HETATM 295 N N1    . GF2 B 1 7 ? 6.666   3.771   -3.132  1.00 25.38 ? 207 GF2 B N1    1 
HETATM 296 C C2    . GF2 B 1 7 ? 7.031   4.912   -2.535  1.00 27.41 ? 207 GF2 B C2    1 
HETATM 297 N N2    . GF2 B 1 7 ? 8.057   4.826   -1.670  1.00 26.12 ? 207 GF2 B N2    1 
HETATM 298 N N3    . GF2 B 1 7 ? 6.412   6.082   -2.722  1.00 25.50 ? 207 GF2 B N3    1 
HETATM 299 C C4    . GF2 B 1 7 ? 5.401   6.055   -3.628  1.00 24.56 ? 207 GF2 B C4    1 
HETATM 300 C C5    . GF2 B 1 7 ? 4.975   4.961   -4.337  1.00 24.31 ? 207 GF2 B C5    1 
HETATM 301 C C6    . GF2 B 1 7 ? 5.653   3.689   -4.042  1.00 27.39 ? 207 GF2 B C6    1 
HETATM 302 O O6    . GF2 B 1 7 ? 5.342   2.529   -4.613  1.00 26.61 ? 207 GF2 B O6    1 
HETATM 303 N N7    . GF2 B 1 7 ? 3.954   5.255   -5.177  1.00 25.60 ? 207 GF2 B N7    1 
HETATM 304 C C8    . GF2 B 1 7 ? 3.769   6.581   -4.935  1.00 24.32 ? 207 GF2 B C8    1 
HETATM 305 N N9    . GF2 B 1 7 ? 4.625   7.086   -4.033  1.00 22.68 ? 207 GF2 B N9    1 
HETATM 306 C "C1'" . GF2 B 1 7 ? 4.732   8.496   -3.555  1.00 24.59 ? 207 GF2 B "C1'" 1 
HETATM 307 O OP2   . GF2 B 1 7 ? 1.700   7.684   -8.206  1.00 24.36 ? 207 GF2 B OP2   1 
HETATM 308 C "C2'" . GF2 B 1 7 ? 5.913   9.181   -4.211  1.00 23.31 ? 207 GF2 B "C2'" 1 
HETATM 309 O OP1   . GF2 B 1 7 ? 1.511   10.294  -8.519  1.00 25.61 ? 207 GF2 B OP1   1 
HETATM 310 C "C3'" . GF2 B 1 7 ? 5.253   9.707   -5.463  1.00 26.15 ? 207 GF2 B "C3'" 1 
HETATM 311 O "O3'" . GF2 B 1 7 ? 6.057   10.753  -5.977  1.00 27.50 ? 207 GF2 B "O3'" 1 
HETATM 312 C "C4'" . GF2 B 1 7 ? 3.966   10.260  -4.877  1.00 24.80 ? 207 GF2 B "C4'" 1 
HETATM 313 O "O4'" . GF2 B 1 7 ? 3.583   9.245   -3.953  1.00 24.83 ? 207 GF2 B "O4'" 1 
HETATM 314 C "C5'" . GF2 B 1 7 ? 2.826   10.458  -5.875  1.00 23.89 ? 207 GF2 B "C5'" 1 
HETATM 315 O "O5'" . GF2 B 1 7 ? 2.681   9.240   -6.592  1.00 26.18 ? 207 GF2 B "O5'" 1 
ATOM   316 P P     . G   B 1 8 ? 6.976   10.472  -7.217  1.00 29.34 ? 208 G   B P     1 
ATOM   317 O OP1   . G   B 1 8 ? 7.539   11.760  -7.619  1.00 31.66 ? 208 G   B OP1   1 
ATOM   318 O OP2   . G   B 1 8 ? 6.269   9.576   -8.167  1.00 31.01 ? 208 G   B OP2   1 
ATOM   319 O "O5'" . G   B 1 8 ? 8.087   9.552   -6.545  1.00 26.79 ? 208 G   B "O5'" 1 
ATOM   320 C "C5'" . G   B 1 8 ? 8.955   10.105  -5.546  1.00 25.11 ? 208 G   B "C5'" 1 
ATOM   321 C "C4'" . G   B 1 8 ? 9.987   9.093   -5.105  1.00 24.98 ? 208 G   B "C4'" 1 
ATOM   322 O "O4'" . G   B 1 8 ? 9.303   7.996   -4.475  1.00 21.09 ? 208 G   B "O4'" 1 
ATOM   323 C "C3'" . G   B 1 8 ? 10.799  8.456   -6.198  1.00 25.93 ? 208 G   B "C3'" 1 
ATOM   324 O "O3'" . G   B 1 8 ? 11.881  9.319   -6.625  1.00 27.91 ? 208 G   B "O3'" 1 
ATOM   325 C "C2'" . G   B 1 8 ? 11.270  7.194   -5.478  1.00 28.38 ? 208 G   B "C2'" 1 
ATOM   326 O "O2'" . G   B 1 8 ? 12.375  7.401   -4.609  1.00 28.32 ? 208 G   B "O2'" 1 
ATOM   327 C "C1'" . G   B 1 8 ? 10.036  6.807   -4.673  1.00 21.21 ? 208 G   B "C1'" 1 
ATOM   328 N N9    . G   B 1 8 ? 9.154   5.870   -5.374  1.00 22.15 ? 208 G   B N9    1 
ATOM   329 C C8    . G   B 1 8 ? 8.105   6.138   -6.208  1.00 25.16 ? 208 G   B C8    1 
ATOM   330 N N7    . G   B 1 8 ? 7.568   5.043   -6.694  1.00 25.96 ? 208 G   B N7    1 
ATOM   331 C C5    . G   B 1 8 ? 8.309   4.009   -6.166  1.00 26.37 ? 208 G   B C5    1 
ATOM   332 C C6    . G   B 1 8 ? 8.176   2.601   -6.271  1.00 27.22 ? 208 G   B C6    1 
ATOM   333 O O6    . G   B 1 8 ? 7.373   1.931   -6.945  1.00 29.26 ? 208 G   B O6    1 
ATOM   334 N N1    . G   B 1 8 ? 9.165   1.938   -5.551  1.00 29.16 ? 208 G   B N1    1 
ATOM   335 C C2    . G   B 1 8 ? 10.135  2.541   -4.793  1.00 26.01 ? 208 G   B C2    1 
ATOM   336 N N2    . G   B 1 8 ? 10.977  1.734   -4.148  1.00 25.89 ? 208 G   B N2    1 
ATOM   337 N N3    . G   B 1 8 ? 10.236  3.844   -4.654  1.00 28.26 ? 208 G   B N3    1 
ATOM   338 C C4    . G   B 1 8 ? 9.272   4.508   -5.332  1.00 24.74 ? 208 G   B C4    1 
HETATM 339 O O     . HOH C 2 . ? 4.669   -2.514  -3.704  1.00 24.18 ? 7   HOH A O     1 
HETATM 340 O O     . HOH C 2 . ? 9.339   4.942   7.893   1.00 34.20 ? 8   HOH A O     1 
HETATM 341 O O     . HOH C 2 . ? 1.483   8.465   0.321   1.00 22.11 ? 9   HOH A O     1 
HETATM 342 O O     . HOH C 2 . ? 2.869   9.936   2.937   1.00 27.67 ? 10  HOH A O     1 
HETATM 343 O O     . HOH C 2 . ? -12.029 3.060   5.297   0.33 22.94 ? 15  HOH A O     1 
HETATM 344 O O     . HOH C 2 . ? -5.906  5.964   1.942   1.00 33.06 ? 18  HOH A O     1 
HETATM 345 O O     . HOH C 2 . ? 14.404  0.019   1.445   0.33 6.00  ? 19  HOH A O     1 
HETATM 346 O O     . HOH C 2 . ? 2.357   10.075  6.860   1.00 29.75 ? 20  HOH A O     1 
HETATM 347 O O     . HOH C 2 . ? 1.026   0.866   4.361   1.00 30.69 ? 21  HOH A O     1 
HETATM 348 O O     . HOH C 2 . ? 13.207  -1.299  -3.349  1.00 22.69 ? 22  HOH A O     1 
HETATM 349 O O     . HOH C 2 . ? 2.886   2.177   6.067   1.00 33.18 ? 23  HOH A O     1 
HETATM 350 O O     . HOH C 2 . ? 4.375   -2.631  -6.998  1.00 34.09 ? 25  HOH A O     1 
HETATM 351 O O     . HOH C 2 . ? -13.441 1.496   9.517   0.33 18.65 ? 26  HOH A O     1 
HETATM 352 O O     . HOH C 2 . ? 0.580   -3.067  -7.957  1.00 50.42 ? 27  HOH A O     1 
HETATM 353 O O     . HOH D 2 . ? 13.063  4.651   -4.204  1.00 25.18 ? 1   HOH B O     1 
HETATM 354 O O     . HOH D 2 . ? 5.932   5.106   -8.903  1.00 32.43 ? 2   HOH B O     1 
HETATM 355 O O     . HOH D 2 . ? 13.542  1.506   -2.372  1.00 27.54 ? 3   HOH B O     1 
HETATM 356 O O     . HOH D 2 . ? 0.179   1.226   -5.684  1.00 28.86 ? 4   HOH B O     1 
HETATM 357 O O     . HOH D 2 . ? -1.332  -0.894  -3.935  1.00 24.81 ? 5   HOH B O     1 
HETATM 358 O O     . HOH D 2 . ? 0.927   -0.564  -2.739  1.00 46.59 ? 6   HOH B O     1 
HETATM 359 O O     . HOH D 2 . ? -5.651  -1.742  -11.075 1.00 34.54 ? 11  HOH B O     1 
HETATM 360 O O     . HOH D 2 . ? -3.042  -2.168  -5.908  1.00 22.83 ? 12  HOH B O     1 
HETATM 361 O O     . HOH D 2 . ? -7.910  6.257   -2.895  0.33 27.95 ? 13  HOH B O     1 
HETATM 362 O O     . HOH D 2 . ? 2.882   0.916   -5.378  0.50 22.27 ? 14  HOH B O     1 
HETATM 363 O O     . HOH D 2 . ? 0.039   3.850   -8.697  1.00 29.89 ? 16  HOH B O     1 
HETATM 364 O O     . HOH D 2 . ? -3.767  2.842   -10.806 1.00 25.73 ? 17  HOH B O     1 
HETATM 365 O O     . HOH D 2 . ? 4.665   2.273   -7.373  1.00 33.28 ? 24  HOH B O     1 
HETATM 366 O O     . HOH D 2 . ? 0.784   -6.006  3.874   1.00 31.35 ? 28  HOH B O     1 
# 
loop_
_atom_site_anisotrop.id 
_atom_site_anisotrop.type_symbol 
_atom_site_anisotrop.pdbx_label_atom_id 
_atom_site_anisotrop.pdbx_label_alt_id 
_atom_site_anisotrop.pdbx_label_comp_id 
_atom_site_anisotrop.pdbx_label_asym_id 
_atom_site_anisotrop.pdbx_label_seq_id 
_atom_site_anisotrop.pdbx_PDB_ins_code 
_atom_site_anisotrop.U[1][1] 
_atom_site_anisotrop.U[2][2] 
_atom_site_anisotrop.U[3][3] 
_atom_site_anisotrop.U[1][2] 
_atom_site_anisotrop.U[1][3] 
_atom_site_anisotrop.U[2][3] 
_atom_site_anisotrop.pdbx_auth_seq_id 
_atom_site_anisotrop.pdbx_auth_comp_id 
_atom_site_anisotrop.pdbx_auth_asym_id 
_atom_site_anisotrop.pdbx_auth_atom_id 
1   N N1    . CFZ A 1 ? 0.4026 0.3531 0.4729 0.0539  -0.0161 -0.0726 101 CFZ A N1    
2   C C2    . CFZ A 1 ? 0.3903 0.3534 0.4615 0.0495  -0.0102 -0.0693 101 CFZ A C2    
3   O O2    . CFZ A 1 ? 0.3930 0.3655 0.4868 0.0531  -0.0117 -0.0719 101 CFZ A O2    
4   N N3    . CFZ A 1 ? 0.3630 0.3271 0.4139 0.0416  -0.0041 -0.0636 101 CFZ A N3    
5   C C4    . CFZ A 1 ? 0.3957 0.3496 0.4252 0.0378  -0.0040 -0.0614 101 CFZ A C4    
6   N N4    . CFZ A 1 ? 0.3858 0.3408 0.3976 0.0301  0.0003  -0.0553 101 CFZ A N4    
7   C C5    . CFZ A 1 ? 0.4380 0.3789 0.4659 0.0417  -0.0100 -0.0652 101 CFZ A C5    
8   C C6    . CFZ A 1 ? 0.4432 0.3823 0.4916 0.0497  -0.0160 -0.0702 101 CFZ A C6    
9   C "C1'" . CFZ A 1 ? 0.4301 0.3787 0.5261 0.0628  -0.0245 -0.0779 101 CFZ A "C1'" 
10  C "C2'" . CFZ A 1 ? 0.4095 0.3558 0.5085 0.0661  -0.0405 -0.0695 101 CFZ A "C2'" 
11  F "F2'" . CFZ A 1 ? 0.4546 0.4061 0.5838 0.0734  -0.0460 -0.0754 101 CFZ A "F2'" 
12  C "C3'" . CFZ A 1 ? 0.4390 0.3691 0.5230 0.0661  -0.0499 -0.0623 101 CFZ A "C3'" 
13  O "O3'" . CFZ A 1 ? 0.4642 0.3893 0.5526 0.0705  -0.0658 -0.0547 101 CFZ A "O3'" 
14  C "C4'" . CFZ A 1 ? 0.4933 0.4180 0.5935 0.0700  -0.0450 -0.0741 101 CFZ A "C4'" 
15  O "O4'" . CFZ A 1 ? 0.4358 0.3701 0.5292 0.0654  -0.0278 -0.0817 101 CFZ A "O4'" 
16  C "C5'" . CFZ A 1 ? 0.5225 0.4294 0.6120 0.0688  -0.0511 -0.0710 101 CFZ A "C5'" 
17  O "O5'" . CFZ A 1 ? 0.5272 0.4322 0.5899 0.0603  -0.0443 -0.0671 101 CFZ A "O5'" 
18  P P     . C   A 2 ? 0.4941 0.4197 0.5579 0.0674  -0.0736 -0.0413 102 C   A P     
19  O OP1   . C   A 2 ? 0.4678 0.3857 0.5349 0.0722  -0.0903 -0.0332 102 C   A OP1   
20  O OP2   . C   A 2 ? 0.4481 0.3714 0.4887 0.0598  -0.0649 -0.0362 102 C   A OP2   
21  O "O5'" . C   A 2 ? 0.4181 0.3583 0.4874 0.0679  -0.0711 -0.0463 102 C   A "O5'" 
22  C "C5'" . C   A 2 ? 0.4103 0.3572 0.5036 0.0738  -0.0792 -0.0520 102 C   A "C5'" 
23  C "C4'" . C   A 2 ? 0.3938 0.3532 0.4908 0.0711  -0.0729 -0.0568 102 C   A "C4'" 
24  O "O4'" . C   A 2 ? 0.3973 0.3612 0.4966 0.0658  -0.0558 -0.0607 102 C   A "O4'" 
25  C "C3'" . C   A 2 ? 0.3968 0.3569 0.4664 0.0673  -0.0738 -0.0507 102 C   A "C3'" 
26  O "O3'" . C   A 2 ? 0.4327 0.3916 0.4931 0.0714  -0.0884 -0.0475 102 C   A "O3'" 
27  C "C2'" . C   A 2 ? 0.3898 0.3603 0.4710 0.0637  -0.0646 -0.0565 102 C   A "C2'" 
28  O "O2'" . C   A 2 ? 0.4255 0.4041 0.5306 0.0670  -0.0719 -0.0631 102 C   A "O2'" 
29  C "C1'" . C   A 2 ? 0.3646 0.3359 0.4562 0.0609  -0.0511 -0.0594 102 C   A "C1'" 
30  N N1    . C   A 2 ? 0.3648 0.3322 0.4337 0.0540  -0.0405 -0.0545 102 C   A N1    
31  C C2    . C   A 2 ? 0.3493 0.3232 0.4145 0.0480  -0.0327 -0.0529 102 C   A C2    
32  O O2    . C   A 2 ? 0.3470 0.3292 0.4280 0.0483  -0.0344 -0.0556 102 C   A O2    
33  N N3    . C   A 2 ? 0.3502 0.3203 0.3965 0.0418  -0.0253 -0.0478 102 C   A N3    
34  C C4    . C   A 2 ? 0.3152 0.2753 0.3474 0.0413  -0.0255 -0.0456 102 C   A C4    
35  N N4    . C   A 2 ? 0.3625 0.3188 0.3778 0.0350  -0.0205 -0.0408 102 C   A N4    
36  C C5    . C   A 2 ? 0.3356 0.2885 0.3726 0.0473  -0.0334 -0.0473 102 C   A C5    
37  C C6    . C   A 2 ? 0.3517 0.3086 0.4069 0.0535  -0.0404 -0.0514 102 C   A C6    
38  P P     . CFZ A 3 ? 0.4382 0.3947 0.4640 0.0694  -0.0904 -0.0385 103 CFZ A P     
39  N N1    . CFZ A 3 ? 0.2985 0.2740 0.3264 0.0506  -0.0505 -0.0455 103 CFZ A N1    
40  C C2    . CFZ A 3 ? 0.3095 0.2860 0.3325 0.0446  -0.0419 -0.0416 103 CFZ A C2    
41  O O2    . CFZ A 3 ? 0.2728 0.2543 0.3040 0.0438  -0.0419 -0.0446 103 CFZ A O2    
42  N N3    . CFZ A 3 ? 0.2884 0.2597 0.2993 0.0401  -0.0358 -0.0348 103 CFZ A N3    
43  C C4    . CFZ A 3 ? 0.2859 0.2505 0.2917 0.0416  -0.0378 -0.0329 103 CFZ A C4    
44  N N4    . CFZ A 3 ? 0.3400 0.2982 0.3356 0.0371  -0.0336 -0.0276 103 CFZ A N4    
45  C C5    . CFZ A 3 ? 0.3160 0.2789 0.3284 0.0480  -0.0464 -0.0362 103 CFZ A C5    
46  C C6    . CFZ A 3 ? 0.3164 0.2853 0.3396 0.0522  -0.0526 -0.0423 103 CFZ A C6    
47  C "C1'" . CFZ A 3 ? 0.3304 0.3110 0.3727 0.0550  -0.0593 -0.0537 103 CFZ A "C1'" 
48  O O1P   . CFZ A 3 ? 0.4244 0.3793 0.4405 0.0745  -0.1065 -0.0352 103 CFZ A O1P   
49  C "C2'" . CFZ A 3 ? 0.3796 0.3614 0.4049 0.0590  -0.0665 -0.0561 103 CFZ A "C2'" 
50  F "F2'" . CFZ A 3 ? 0.3989 0.3852 0.4422 0.0608  -0.0722 -0.0656 103 CFZ A "F2'" 
51  O O2P   . CFZ A 3 ? 0.3958 0.3460 0.4080 0.0643  -0.0810 -0.0305 103 CFZ A O2P   
52  C "C3'" . CFZ A 3 ? 0.3900 0.3676 0.4031 0.0639  -0.0762 -0.0533 103 CFZ A "C3'" 
53  O "O3'" . CFZ A 3 ? 0.4258 0.4058 0.4239 0.0688  -0.0857 -0.0576 103 CFZ A "O3'" 
54  C "C4'" . CFZ A 3 ? 0.3879 0.3660 0.4290 0.0656  -0.0810 -0.0584 103 CFZ A "C4'" 
55  O "O4'" . CFZ A 3 ? 0.3830 0.3627 0.4377 0.0597  -0.0675 -0.0571 103 CFZ A "O4'" 
56  C "C5'" . CFZ A 3 ? 0.3897 0.3624 0.4324 0.0695  -0.0895 -0.0550 103 CFZ A "C5'" 
57  O "O5'" . CFZ A 3 ? 0.4028 0.3685 0.4274 0.0670  -0.0838 -0.0451 103 CFZ A "O5'" 
58  P P     . C   A 4 ? 0.4179 0.3985 0.3822 0.0694  -0.0827 -0.0503 104 C   A P     
59  O OP1   . C   A 4 ? 0.4721 0.4553 0.4207 0.0757  -0.0948 -0.0564 104 C   A OP1   
60  O OP2   . C   A 4 ? 0.4002 0.3751 0.3551 0.0657  -0.0777 -0.0367 104 C   A OP2   
61  O "O5'" . C   A 4 ? 0.3981 0.3837 0.3645 0.0662  -0.0711 -0.0531 104 C   A "O5'" 
62  C "C5'" . C   A 4 ? 0.3966 0.3865 0.3762 0.0682  -0.0732 -0.0655 104 C   A "C5'" 
63  C "C4'" . C   A 4 ? 0.3974 0.3905 0.3803 0.0646  -0.0620 -0.0642 104 C   A "C4'" 
64  O "O4'" . C   A 4 ? 0.3772 0.3670 0.3773 0.0576  -0.0554 -0.0572 104 C   A "O4'" 
65  C "C3'" . C   A 4 ? 0.3756 0.3718 0.3364 0.0636  -0.0534 -0.0552 104 C   A "C3'" 
66  O "O3'" . C   A 4 ? 0.4621 0.4649 0.4063 0.0697  -0.0543 -0.0627 104 C   A "O3'" 
67  C "C2'" . C   A 4 ? 0.3966 0.3934 0.3739 0.0580  -0.0447 -0.0523 104 C   A "C2'" 
68  O "O2'" . C   A 4 ? 0.3859 0.3865 0.3776 0.0610  -0.0464 -0.0639 104 C   A "O2'" 
69  C "C1'" . C   A 4 ? 0.3581 0.3489 0.3518 0.0531  -0.0458 -0.0492 104 C   A "C1'" 
70  N N1    . C   A 4 ? 0.3807 0.3662 0.3654 0.0485  -0.0417 -0.0378 104 C   A N1    
71  C C2    . C   A 4 ? 0.3616 0.3458 0.3469 0.0420  -0.0342 -0.0297 104 C   A C2    
72  O O2    . C   A 4 ? 0.3604 0.3487 0.3542 0.0406  -0.0312 -0.0308 104 C   A O2    
73  N N3    . C   A 4 ? 0.3408 0.3191 0.3184 0.0379  -0.0320 -0.0214 104 C   A N3    
74  C C4    . C   A 4 ? 0.3414 0.3146 0.3140 0.0403  -0.0365 -0.0207 104 C   A C4    
75  N N4    . C   A 4 ? 0.3531 0.3189 0.3209 0.0364  -0.0351 -0.0138 104 C   A N4    
76  C C5    . C   A 4 ? 0.3311 0.3057 0.3040 0.0469  -0.0441 -0.0271 104 C   A C5    
77  C C6    . C   A 4 ? 0.3523 0.3334 0.3306 0.0506  -0.0468 -0.0358 104 C   A C6    
78  F F     . GF2 A 5 ? 0.4216 0.4509 0.3878 0.0508  -0.0034 -0.0221 105 GF2 A F     
79  P P     . GF2 A 5 ? 0.4894 0.4969 0.4038 0.0702  -0.0486 -0.0518 105 GF2 A P     
80  N N1    . GF2 A 5 ? 0.3882 0.3675 0.3434 0.0231  -0.0201 0.0151  105 GF2 A N1    
81  C C2    . GF2 A 5 ? 0.3819 0.3709 0.3453 0.0238  -0.0158 0.0134  105 GF2 A C2    
82  N N2    . GF2 A 5 ? 0.3348 0.3244 0.3073 0.0176  -0.0140 0.0208  105 GF2 A N2    
83  N N3    . GF2 A 5 ? 0.4088 0.4060 0.3736 0.0306  -0.0144 0.0039  105 GF2 A N3    
84  C C4    . GF2 A 5 ? 0.3827 0.3775 0.3379 0.0359  -0.0188 -0.0026 105 GF2 A C4    
85  C C5    . GF2 A 5 ? 0.3670 0.3533 0.3151 0.0355  -0.0238 0.0001  105 GF2 A C5    
86  C C6    . GF2 A 5 ? 0.3869 0.3642 0.3356 0.0287  -0.0241 0.0095  105 GF2 A C6    
87  O O6    . GF2 A 5 ? 0.3694 0.3368 0.3149 0.0282  -0.0291 0.0116  105 GF2 A O6    
88  N N7    . GF2 A 5 ? 0.3975 0.3844 0.3402 0.0419  -0.0292 -0.0075 105 GF2 A N7    
89  C C8    . GF2 A 5 ? 0.3538 0.3495 0.2989 0.0461  -0.0272 -0.0160 105 GF2 A C8    
90  N N9    . GF2 A 5 ? 0.3730 0.3735 0.3267 0.0430  -0.0206 -0.0136 105 GF2 A N9    
91  C "C1'" . GF2 A 5 ? 0.3826 0.3924 0.3446 0.0472  -0.0170 -0.0222 105 GF2 A "C1'" 
92  O OP2   . GF2 A 5 ? 0.4856 0.4860 0.3930 0.0671  -0.0528 -0.0390 105 GF2 A OP2   
93  C "C2'" . GF2 A 5 ? 0.4130 0.4341 0.3631 0.0496  -0.0091 -0.0180 105 GF2 A "C2'" 
94  O OP1   . GF2 A 5 ? 0.5348 0.5506 0.4300 0.0778  -0.0502 -0.0632 105 GF2 A OP1   
95  C "C3'" . GF2 A 5 ? 0.4266 0.4507 0.3572 0.0572  -0.0131 -0.0269 105 GF2 A "C3'" 
96  O "O3'" . GF2 A 5 ? 0.4796 0.5173 0.3957 0.0622  -0.0051 -0.0286 105 GF2 A "O3'" 
97  C "C4'" . GF2 A 5 ? 0.4092 0.4297 0.3557 0.0610  -0.0203 -0.0426 105 GF2 A "C4'" 
98  O "O4'" . GF2 A 5 ? 0.3877 0.3985 0.3503 0.0540  -0.0229 -0.0364 105 GF2 A "O4'" 
99  C "C5'" . GF2 A 5 ? 0.4472 0.4656 0.3811 0.0674  -0.0300 -0.0533 105 GF2 A "C5'" 
100 O "O5'" . GF2 A 5 ? 0.4780 0.4899 0.3992 0.0651  -0.0352 -0.0435 105 GF2 A "O5'" 
101 P P     . G   A 6 ? 0.5152 0.5574 0.4087 0.0593  -0.0001 -0.0117 106 G   A P     
102 O OP1   . G   A 6 ? 0.6016 0.6607 0.4793 0.0654  0.0099  -0.0167 106 G   A OP1   
103 O OP2   . G   A 6 ? 0.5128 0.5435 0.3938 0.0583  -0.0111 -0.0069 106 G   A OP2   
104 O "O5'" . G   A 6 ? 0.4904 0.5312 0.4011 0.0502  0.0058  0.0039  106 G   A "O5'" 
105 C "C5'" . G   A 6 ? 0.4741 0.5270 0.4003 0.0498  0.0161  0.0041  106 G   A "C5'" 
106 C "C4'" . G   A 6 ? 0.4697 0.5183 0.4135 0.0403  0.0172  0.0190  106 G   A "C4'" 
107 O "O4'" . G   A 6 ? 0.4759 0.5078 0.4284 0.0359  0.0070  0.0174  106 G   A "O4'" 
108 C "C3'" . G   A 6 ? 0.4755 0.5233 0.4094 0.0340  0.0187  0.0375  106 G   A "C3'" 
109 O "O3'" . G   A 6 ? 0.5152 0.5809 0.4493 0.0343  0.0313  0.0452  106 G   A "O3'" 
110 C "C2'" . G   A 6 ? 0.4381 0.4740 0.3914 0.0254  0.0130  0.0446  106 G   A "C2'" 
111 O "O2'" . G   A 6 ? 0.4358 0.4809 0.4110 0.0235  0.0184  0.0453  106 G   A "O2'" 
112 C "C1'" . G   A 6 ? 0.4382 0.4616 0.3920 0.0277  0.0041  0.0317  106 G   A "C1'" 
113 N N9    . G   A 6 ? 0.4084 0.4190 0.3484 0.0274  -0.0039 0.0330  106 G   A N9    
114 C C8    . G   A 6 ? 0.4745 0.4824 0.4011 0.0336  -0.0088 0.0251  106 G   A C8    
115 N N7    . G   A 6 ? 0.4474 0.4432 0.3695 0.0317  -0.0162 0.0291  106 G   A N7    
116 C C5    . G   A 6 ? 0.4268 0.4161 0.3581 0.0240  -0.0162 0.0393  106 G   A C5    
117 C C6    . G   A 6 ? 0.4270 0.4019 0.3602 0.0195  -0.0229 0.0453  106 G   A C6    
118 O O6    . G   A 6 ? 0.4698 0.4356 0.3985 0.0221  -0.0298 0.0436  106 G   A O6    
119 N N1    . G   A 6 ? 0.4452 0.4167 0.3886 0.0119  -0.0222 0.0532  106 G   A N1    
120 C C2    . G   A 6 ? 0.4309 0.4122 0.3837 0.0087  -0.0163 0.0565  106 G   A C2    
121 N N2    . G   A 6 ? 0.4285 0.4044 0.3921 0.0009  -0.0189 0.0641  106 G   A N2    
122 N N3    . G   A 6 ? 0.4294 0.4246 0.3833 0.0132  -0.0092 0.0511  106 G   A N3    
123 C C4    . G   A 6 ? 0.4382 0.4363 0.3801 0.0209  -0.0094 0.0422  106 G   A C4    
124 F F     . GF2 A 7 ? 0.6145 0.6358 0.5980 -0.0132 0.0058  0.1279  107 GF2 A F     
125 P P     . GF2 A 7 ? 0.5348 0.6077 0.4462 0.0327  0.0362  0.0607  107 GF2 A P     
126 N N1    . GF2 A 7 ? 0.4968 0.4496 0.4313 0.0055  -0.0368 0.0923  107 GF2 A N1    
127 C C2    . GF2 A 7 ? 0.5126 0.4683 0.4594 -0.0019 -0.0331 0.0996  107 GF2 A C2    
128 N N2    . GF2 A 7 ? 0.5277 0.4684 0.4880 -0.0085 -0.0414 0.1054  107 GF2 A N2    
129 N N3    . GF2 A 7 ? 0.5189 0.4915 0.4684 -0.0029 -0.0227 0.1015  107 GF2 A N3    
130 C C4    . GF2 A 7 ? 0.5087 0.4940 0.4446 0.0047  -0.0159 0.0932  107 GF2 A C4    
131 C C5    . GF2 A 7 ? 0.5181 0.5009 0.4385 0.0122  -0.0197 0.0845  107 GF2 A C5    
132 C C6    . GF2 A 7 ? 0.4762 0.4413 0.3968 0.0125  -0.0317 0.0846  107 GF2 A C6    
133 O O6    . GF2 A 7 ? 0.5597 0.5198 0.4713 0.0191  -0.0386 0.0777  107 GF2 A O6    
134 N N7    . GF2 A 7 ? 0.4786 0.4765 0.3888 0.0184  -0.0122 0.0765  107 GF2 A N7    
135 C C8    . GF2 A 7 ? 0.5307 0.5404 0.4520 0.0151  -0.0028 0.0802  107 GF2 A C8    
136 N N9    . GF2 A 7 ? 0.5069 0.5098 0.4442 0.0067  -0.0052 0.0908  107 GF2 A N9    
137 C "C1'" . GF2 A 7 ? 0.5123 0.5250 0.4683 0.0008  0.0015  0.0985  107 GF2 A "C1'" 
138 O OP2   . GF2 A 7 ? 0.5623 0.6589 0.4747 0.0354  0.0528  0.0626  107 GF2 A OP2   
139 C "C2'" . GF2 A 7 ? 0.5932 0.6141 0.5523 -0.0050 0.0064  0.1192  107 GF2 A "C2'" 
140 O OP1   . GF2 A 7 ? 0.5305 0.5936 0.4168 0.0368  0.0267  0.0564  107 GF2 A OP1   
141 C "C3'" . GF2 A 7 ? 0.5737 0.6174 0.5208 0.0018  0.0208  0.1166  107 GF2 A "C3'" 
142 O "O3'" . GF2 A 7 ? 0.5949 0.6558 0.5498 -0.0030 0.0320  0.1340  107 GF2 A "O3'" 
143 C "C4'" . GF2 A 7 ? 0.5385 0.5872 0.5001 0.0052  0.0237  0.1009  107 GF2 A "C4'" 
144 O "O4'" . GF2 A 7 ? 0.5498 0.5794 0.5071 0.0065  0.0116  0.0891  107 GF2 A "O4'" 
145 C "C5'" . GF2 A 7 ? 0.4796 0.5463 0.4323 0.0147  0.0351  0.0884  107 GF2 A "C5'" 
146 O "O5'" . GF2 A 7 ? 0.5232 0.5848 0.4493 0.0214  0.0307  0.0799  107 GF2 A "O5'" 
147 P P     . G   A 8 ? 0.6025 0.6690 0.5377 -0.0050 0.0354  0.1529  108 G   A P     
148 O OP1   . G   A 8 ? 0.6279 0.7192 0.5741 -0.0086 0.0523  0.1670  108 G   A OP1   
149 O OP2   . G   A 8 ? 0.6210 0.6845 0.5249 0.0038  0.0319  0.1422  108 G   A OP2   
150 O "O5'" . G   A 8 ? 0.6346 0.6781 0.5820 -0.0140 0.0198  0.1666  108 G   A "O5'" 
151 C "C5'" . G   A 8 ? 0.6275 0.6659 0.6057 -0.0231 0.0162  0.1737  108 G   A "C5'" 
152 C "C4'" . G   A 8 ? 0.6511 0.6645 0.6364 -0.0294 -0.0006 0.1817  108 G   A "C4'" 
153 O "O4'" . G   A 8 ? 0.6109 0.6059 0.5869 -0.0235 -0.0114 0.1617  108 G   A "O4'" 
154 C "C3'" . G   A 8 ? 0.6796 0.6896 0.6519 -0.0312 -0.0038 0.1998  108 G   A "C3'" 
155 O "O3'" . G   A 8 ? 0.7365 0.7584 0.7247 -0.0406 0.0030  0.2247  108 G   A "O3'" 
156 C "C2'" . G   A 8 ? 0.6622 0.6428 0.6419 -0.0326 -0.0228 0.1940  108 G   A "C2'" 
157 O "O2'" . G   A 8 ? 0.6952 0.6653 0.7037 -0.0422 -0.0304 0.2012  108 G   A "O2'" 
158 C "C1'" . G   A 8 ? 0.6137 0.5894 0.5858 -0.0246 -0.0242 0.1671  108 G   A "C1'" 
159 N N9    . G   A 8 ? 0.5812 0.5558 0.5296 -0.0150 -0.0255 0.1557  108 G   A N9    
160 C C8    . G   A 8 ? 0.5523 0.5438 0.4814 -0.0073 -0.0152 0.1470  108 G   A C8    
161 N N7    . G   A 8 ? 0.5416 0.5265 0.4538 0.0000  -0.0217 0.1373  108 G   A N7    
162 C C5    . G   A 8 ? 0.5108 0.4743 0.4333 -0.0025 -0.0356 0.1399  108 G   A C5    
163 C C6    . G   A 8 ? 0.4960 0.4457 0.4130 0.0030  -0.0473 0.1333  108 G   A C6    
164 O O6    . G   A 8 ? 0.5305 0.4840 0.4321 0.0107  -0.0486 0.1236  108 G   A O6    
165 N N1    . G   A 8 ? 0.5715 0.5012 0.5060 -0.0010 -0.0591 0.1376  108 G   A N1    
166 C C2    . G   A 8 ? 0.5829 0.5055 0.5366 -0.0098 -0.0609 0.1469  108 G   A C2    
167 N N2    . G   A 8 ? 0.6578 0.5588 0.6276 -0.0117 -0.0742 0.1471  108 G   A N2    
168 N N3    . G   A 8 ? 0.6005 0.5358 0.5600 -0.0159 -0.0511 0.1547  108 G   A N3    
169 C C4    . G   A 8 ? 0.5492 0.5054 0.4929 -0.0116 -0.0381 0.1506  108 G   A C4    
170 N N1    . CFZ B 1 ? 0.7111 0.5859 0.6757 0.0187  -0.1031 0.1096  201 CFZ B N1    
171 C C2    . CFZ B 1 ? 0.7111 0.5981 0.6656 0.0116  -0.0924 0.1206  201 CFZ B C2    
172 O O2    . CFZ B 1 ? 0.7518 0.6317 0.7187 0.0038  -0.0937 0.1313  201 CFZ B O2    
173 N N3    . CFZ B 1 ? 0.6925 0.5988 0.6266 0.0136  -0.0813 0.1182  201 CFZ B N3    
174 C C4    . CFZ B 1 ? 0.6649 0.5774 0.5882 0.0218  -0.0821 0.1059  201 CFZ B C4    
175 N N4    . CFZ B 1 ? 0.6559 0.5862 0.5610 0.0238  -0.0720 0.1022  201 CFZ B N4    
176 C C5    . CFZ B 1 ? 0.6391 0.5397 0.5732 0.0282  -0.0936 0.0961  201 CFZ B C5    
177 C C6    . CFZ B 1 ? 0.6625 0.5455 0.6174 0.0267  -0.1030 0.0981  201 CFZ B C6    
178 C "C1'" . CFZ B 1 ? 0.7608 0.6135 0.7506 0.0177  -0.1152 0.1094  201 CFZ B "C1'" 
179 C "C2'" . CFZ B 1 ? 0.7618 0.6068 0.7640 0.0162  -0.1111 0.0910  201 CFZ B "C2'" 
180 F "F2'" . CFZ B 1 ? 0.7952 0.6219 0.8168 0.0116  -0.1212 0.0972  201 CFZ B "F2'" 
181 C "C3'" . CFZ B 1 ? 0.7600 0.6042 0.7677 0.0258  -0.1114 0.0695  201 CFZ B "C3'" 
182 O "O3'" . CFZ B 1 ? 0.7705 0.6040 0.7918 0.0269  -0.1106 0.0507  201 CFZ B "O3'" 
183 C "C4'" . CFZ B 1 ? 0.7802 0.6148 0.7990 0.0304  -0.1260 0.0794  201 CFZ B "C4'" 
184 O "O4'" . CFZ B 1 ? 0.7801 0.6236 0.7811 0.0257  -0.1268 0.1031  201 CFZ B "O4'" 
185 C "C5'" . CFZ B 1 ? 0.7654 0.6037 0.7902 0.0404  -0.1290 0.0654  201 CFZ B "C5'" 
186 O "O5'" . CFZ B 1 ? 0.8134 0.6703 0.8167 0.0418  -0.1205 0.0637  201 CFZ B "O5'" 
187 P P     . C   B 2 ? 0.7298 0.5735 0.7410 0.0270  -0.0967 0.0318  202 C   B P     
188 O OP1   . C   B 2 ? 0.7416 0.5733 0.7668 0.0304  -0.0979 0.0126  202 C   B OP1   
189 O OP2   . C   B 2 ? 0.7341 0.5955 0.7334 0.0310  -0.0893 0.0294  202 C   B OP2   
190 O "O5'" . C   B 2 ? 0.6780 0.5245 0.6794 0.0170  -0.0924 0.0424  202 C   B "O5'" 
191 C "C5'" . C   B 2 ? 0.6556 0.4868 0.6683 0.0110  -0.1002 0.0469  202 C   B "C5'" 
192 C "C4'" . C   B 2 ? 0.6487 0.4877 0.6546 0.0016  -0.0961 0.0611  202 C   B "C4'" 
193 O "O4'" . C   B 2 ? 0.6362 0.4865 0.6362 0.0003  -0.0945 0.0817  202 C   B "O4'" 
194 C "C3'" . C   B 2 ? 0.5883 0.4418 0.5797 0.0003  -0.0843 0.0525  202 C   B "C3'" 
195 O "O3'" . C   B 2 ? 0.6061 0.4507 0.5984 -0.0018 -0.0853 0.0375  202 C   B "O3'" 
196 C "C2'" . C   B 2 ? 0.5854 0.4492 0.5757 -0.0071 -0.0814 0.0720  202 C   B "C2'" 
197 O "O2'" . C   B 2 ? 0.5924 0.4451 0.5957 -0.0154 -0.0888 0.0794  202 C   B "O2'" 
198 C "C1'" . C   B 2 ? 0.5722 0.4395 0.5610 -0.0040 -0.0837 0.0867  202 C   B "C1'" 
199 N N1    . C   B 2 ? 0.5426 0.4266 0.5155 0.0025  -0.0755 0.0840  202 C   B N1    
200 C C2    . C   B 2 ? 0.5507 0.4529 0.5136 0.0001  -0.0655 0.0923  202 C   B C2    
201 O O2    . C   B 2 ? 0.5781 0.4832 0.5477 -0.0073 -0.0629 0.1024  202 C   B O2    
202 N N3    . C   B 2 ? 0.5576 0.4735 0.5061 0.0065  -0.0593 0.0880  202 C   B N3    
203 C C4    . C   B 2 ? 0.5368 0.4492 0.4824 0.0139  -0.0637 0.0771  202 C   B C4    
204 N N4    . C   B 2 ? 0.5469 0.4721 0.4795 0.0196  -0.0594 0.0719  202 C   B N4    
205 C C5    . C   B 2 ? 0.5494 0.4449 0.5075 0.0163  -0.0732 0.0698  202 C   B C5    
206 C C6    . C   B 2 ? 0.5615 0.4433 0.5323 0.0108  -0.0781 0.0726  202 C   B C6    
207 P P     . CFZ B 3 ? 0.6147 0.4695 0.5931 -0.0006 -0.0751 0.0226  203 CFZ B P     
208 N N1    . CFZ B 3 ? 0.4350 0.3510 0.3995 -0.0068 -0.0496 0.0641  203 CFZ B N1    
209 C C2    . CFZ B 3 ? 0.3919 0.3253 0.3514 -0.0036 -0.0408 0.0660  203 CFZ B C2    
210 O O2    . CFZ B 3 ? 0.4600 0.4031 0.4257 -0.0079 -0.0364 0.0727  203 CFZ B O2    
211 N N3    . CFZ B 3 ? 0.4308 0.3699 0.3813 0.0041  -0.0384 0.0598  203 CFZ B N3    
212 C C4    . CFZ B 3 ? 0.4205 0.3494 0.3694 0.0084  -0.0443 0.0531  203 CFZ B C4    
213 N N4    . CFZ B 3 ? 0.4231 0.3573 0.3654 0.0157  -0.0440 0.0472  203 CFZ B N4    
214 C C5    . CFZ B 3 ? 0.4573 0.3694 0.4135 0.0059  -0.0519 0.0511  203 CFZ B C5    
215 C C6    . CFZ B 3 ? 0.4399 0.3455 0.4025 -0.0016 -0.0544 0.0557  203 CFZ B C6    
216 C "C1'" . CFZ B 3 ? 0.4676 0.3771 0.4419 -0.0153 -0.0543 0.0699  203 CFZ B "C1'" 
217 O O1P   . CFZ B 3 ? 0.6084 0.4751 0.5823 0.0070  -0.0677 0.0171  203 CFZ B O1P   
218 C "C2'" . CFZ B 3 ? 0.4653 0.3750 0.4378 -0.0180 -0.0535 0.0600  203 CFZ B "C2'" 
219 F "F2'" . CFZ B 3 ? 0.4767 0.3861 0.4598 -0.0261 -0.0575 0.0691  203 CFZ B "F2'" 
220 O O2P   . CFZ B 3 ? 0.6160 0.4573 0.5936 -0.0024 -0.0788 0.0075  203 CFZ B O2P   
221 C "C3'" . CFZ B 3 ? 0.4996 0.3929 0.4674 -0.0166 -0.0598 0.0468  203 CFZ B "C3'" 
222 O "O3'" . CFZ B 3 ? 0.4635 0.3518 0.4272 -0.0216 -0.0627 0.0398  203 CFZ B "O3'" 
223 C "C4'" . CFZ B 3 ? 0.5202 0.4009 0.4987 -0.0199 -0.0689 0.0558  203 CFZ B "C4'" 
224 O "O4'" . CFZ B 3 ? 0.5639 0.4550 0.5442 -0.0172 -0.0644 0.0691  203 CFZ B "O4'" 
225 C "C5'" . CFZ B 3 ? 0.5849 0.4479 0.5646 -0.0162 -0.0761 0.0444  203 CFZ B "C5'" 
226 O "O5'" . CFZ B 3 ? 0.5964 0.4643 0.5696 -0.0076 -0.0703 0.0352  203 CFZ B "O5'" 
227 P P     . C   B 4 ? 0.4421 0.3366 0.3940 -0.0192 -0.0562 0.0282  204 C   B P     
228 O OP1   . C   B 4 ? 0.4803 0.3666 0.4248 -0.0255 -0.0619 0.0231  204 C   B OP1   
229 O OP2   . C   B 4 ? 0.4172 0.3116 0.3655 -0.0110 -0.0515 0.0182  204 C   B OP2   
230 O "O5'" . C   B 4 ? 0.3892 0.3009 0.3458 -0.0190 -0.0496 0.0367  204 C   B "O5'" 
231 C "C5'" . C   B 4 ? 0.3849 0.3015 0.3501 -0.0255 -0.0522 0.0466  204 C   B "C5'" 
232 C "C4'" . C   B 4 ? 0.3372 0.2707 0.3086 -0.0225 -0.0443 0.0500  204 C   B "C4'" 
233 O "O4'" . C   B 4 ? 0.3558 0.2984 0.3309 -0.0172 -0.0384 0.0551  204 C   B "O4'" 
234 C "C3'" . C   B 4 ? 0.3478 0.2852 0.3125 -0.0182 -0.0396 0.0406  204 C   B "C3'" 
235 O "O3'" . C   B 4 ? 0.3556 0.2906 0.3182 -0.0241 -0.0435 0.0403  204 C   B "O3'" 
236 C "C2'" . C   B 4 ? 0.3364 0.2889 0.3109 -0.0135 -0.0329 0.0439  204 C   B "C2'" 
237 O "O2'" . C   B 4 ? 0.3557 0.3159 0.3438 -0.0174 -0.0336 0.0513  204 C   B "O2'" 
238 C "C1'" . C   B 4 ? 0.3235 0.2767 0.2968 -0.0107 -0.0315 0.0490  204 C   B "C1'" 
239 N N1    . C   B 4 ? 0.3618 0.3121 0.3254 -0.0039 -0.0301 0.0415  204 C   B N1    
240 C C2    . C   B 4 ? 0.3703 0.3315 0.3329 0.0031  -0.0248 0.0371  204 C   B C2    
241 O O2    . C   B 4 ? 0.3845 0.3567 0.3547 0.0036  -0.0206 0.0380  204 C   B O2    
242 N N3    . C   B 4 ? 0.3695 0.3284 0.3253 0.0091  -0.0257 0.0302  204 C   B N3    
243 C C4    . C   B 4 ? 0.3760 0.3231 0.3284 0.0090  -0.0305 0.0286  204 C   B C4    
244 N N4    . C   B 4 ? 0.3677 0.3136 0.3174 0.0154  -0.0324 0.0226  204 C   B N4    
245 C C5    . C   B 4 ? 0.3903 0.3261 0.3443 0.0028  -0.0349 0.0318  204 C   B C5    
246 C C6    . C   B 4 ? 0.4105 0.3480 0.3687 -0.0037 -0.0350 0.0380  204 C   B C6    
247 F F     . GF2 B 5 ? 0.2614 0.2385 0.2728 -0.0035 -0.0252 0.0240  205 GF2 B F     
248 P P     . GF2 B 5 ? 0.3702 0.3021 0.3203 -0.0239 -0.0415 0.0313  205 GF2 B P     
249 N N1    . GF2 B 5 ? 0.3403 0.3154 0.3173 0.0240  -0.0228 -0.0053 205 GF2 B N1    
250 C C2    . GF2 B 5 ? 0.3483 0.3292 0.3338 0.0226  -0.0207 -0.0041 205 GF2 B C2    
251 N N2    . GF2 B 5 ? 0.3145 0.3020 0.3088 0.0280  -0.0216 -0.0121 205 GF2 B N2    
252 N N3    . GF2 B 5 ? 0.3551 0.3349 0.3433 0.0161  -0.0195 0.0039  205 GF2 B N3    
253 C C4    . GF2 B 5 ? 0.3260 0.2979 0.3048 0.0113  -0.0206 0.0093  205 GF2 B C4    
254 C C5    . GF2 B 5 ? 0.3099 0.2750 0.2797 0.0128  -0.0221 0.0073  205 GF2 B C5    
255 C C6    . GF2 B 5 ? 0.3359 0.3031 0.3056 0.0200  -0.0234 -0.0001 205 GF2 B C6    
256 O O6    . GF2 B 5 ? 0.3606 0.3218 0.3266 0.0227  -0.0262 -0.0027 205 GF2 B O6    
257 N N7    . GF2 B 5 ? 0.3489 0.3056 0.3127 0.0072  -0.0239 0.0119  205 GF2 B N7    
258 C C8    . GF2 B 5 ? 0.3230 0.2822 0.2912 0.0019  -0.0238 0.0178  205 GF2 B C8    
259 N N9    . GF2 B 5 ? 0.3130 0.2814 0.2913 0.0044  -0.0217 0.0168  205 GF2 B N9    
260 C "C1'" . GF2 B 5 ? 0.2811 0.2543 0.2711 0.0006  -0.0224 0.0221  205 GF2 B "C1'" 
261 O OP2   . GF2 B 5 ? 0.3668 0.2948 0.3114 -0.0319 -0.0480 0.0349  205 GF2 B OP2   
262 C "C2'" . GF2 B 5 ? 0.2575 0.2290 0.2526 -0.0028 -0.0237 0.0206  205 GF2 B "C2'" 
263 O OP1   . GF2 B 5 ? 0.3919 0.3181 0.3333 -0.0190 -0.0381 0.0210  205 GF2 B OP1   
264 C "C3'" . GF2 B 5 ? 0.2773 0.2399 0.2597 -0.0106 -0.0268 0.0254  205 GF2 B "C3'" 
265 O "O3'" . GF2 B 5 ? 0.2804 0.2412 0.2626 -0.0175 -0.0295 0.0302  205 GF2 B "O3'" 
266 C "C4'" . GF2 B 5 ? 0.3387 0.2997 0.3201 -0.0128 -0.0296 0.0317  205 GF2 B "C4'" 
267 O "O4'" . GF2 B 5 ? 0.3202 0.2882 0.3069 -0.0063 -0.0258 0.0305  205 GF2 B "O4'" 
268 C "C5'" . GF2 B 5 ? 0.4608 0.4122 0.4271 -0.0131 -0.0303 0.0278  205 GF2 B "C5'" 
269 O "O5'" . GF2 B 5 ? 0.4020 0.3467 0.3638 -0.0205 -0.0363 0.0331  205 GF2 B "O5'" 
270 P P     . G   B 6 ? 0.3414 0.3004 0.3147 -0.0191 -0.0256 0.0258  206 G   B P     
271 O OP1   . G   B 6 ? 0.3182 0.2778 0.2933 -0.0266 -0.0288 0.0345  206 G   B OP1   
272 O OP2   . G   B 6 ? 0.3271 0.2795 0.2840 -0.0181 -0.0233 0.0190  206 G   B OP2   
273 O "O5'" . G   B 6 ? 0.3184 0.2844 0.3071 -0.0121 -0.0216 0.0192  206 G   B "O5'" 
274 C "C5'" . G   B 6 ? 0.2628 0.2342 0.2711 -0.0118 -0.0237 0.0221  206 G   B "C5'" 
275 C "C4'" . G   B 6 ? 0.2704 0.2466 0.2914 -0.0039 -0.0217 0.0126  206 G   B "C4'" 
276 O "O4'" . G   B 6 ? 0.2824 0.2590 0.2961 0.0029  -0.0210 0.0065  206 G   B "O4'" 
277 C "C3'" . G   B 6 ? 0.2602 0.2372 0.2818 -0.0034 -0.0178 0.0074  206 G   B "C3'" 
278 O "O3'" . G   B 6 ? 0.2744 0.2542 0.3097 -0.0090 -0.0176 0.0130  206 G   B "O3'" 
279 C "C2'" . G   B 6 ? 0.2825 0.2630 0.3140 0.0057  -0.0196 -0.0027 206 G   B "C2'" 
280 O "O2'" . G   B 6 ? 0.2838 0.2679 0.3358 0.0078  -0.0234 -0.0047 206 G   B "O2'" 
281 C "C1'" . G   B 6 ? 0.2499 0.2284 0.2667 0.0089  -0.0202 -0.0026 206 G   B "C1'" 
282 N N9    . G   B 6 ? 0.2810 0.2549 0.2831 0.0101  -0.0187 -0.0048 206 G   B N9    
283 C C8    . G   B 6 ? 0.3054 0.2731 0.2932 0.0058  -0.0178 -0.0006 206 G   B C8    
284 N N7    . G   B 6 ? 0.3194 0.2831 0.3007 0.0092  -0.0177 -0.0053 206 G   B N7    
285 C C5    . G   B 6 ? 0.2915 0.2600 0.2822 0.0160  -0.0189 -0.0119 206 G   B C5    
286 C C6    . G   B 6 ? 0.3101 0.2772 0.3017 0.0220  -0.0212 -0.0180 206 G   B C6    
287 O O6    . G   B 6 ? 0.2978 0.2590 0.2838 0.0230  -0.0218 -0.0188 206 G   B O6    
288 N N1    . G   B 6 ? 0.3077 0.2806 0.3103 0.0275  -0.0246 -0.0239 206 G   B N1    
289 C C2    . G   B 6 ? 0.2837 0.2622 0.2958 0.0276  -0.0254 -0.0252 206 G   B C2    
290 N N2    . G   B 6 ? 0.2953 0.2777 0.3177 0.0333  -0.0305 -0.0332 206 G   B N2    
291 N N3    . G   B 6 ? 0.2637 0.2433 0.2782 0.0223  -0.0227 -0.0197 206 G   B N3    
292 C C4    . G   B 6 ? 0.2320 0.2064 0.2344 0.0166  -0.0197 -0.0124 206 G   B C4    
293 F F     . GF2 B 7 ? 0.2605 0.2596 0.3776 0.0173  -0.0257 -0.0324 207 GF2 B F     
294 P P     . GF2 B 7 ? 0.3152 0.2982 0.3515 -0.0119 -0.0110 0.0123  207 GF2 B P     
295 N N1    . GF2 B 7 ? 0.3136 0.2935 0.3571 0.0312  -0.0186 -0.0402 207 GF2 B N1    
296 C C2    . GF2 B 7 ? 0.3322 0.3181 0.3910 0.0327  -0.0230 -0.0425 207 GF2 B C2    
297 N N2    . GF2 B 7 ? 0.3104 0.2985 0.3835 0.0390  -0.0305 -0.0491 207 GF2 B N2    
298 N N3    . GF2 B 7 ? 0.3062 0.2945 0.3681 0.0285  -0.0222 -0.0389 207 GF2 B N3    
299 C C4    . GF2 B 7 ? 0.2999 0.2855 0.3479 0.0221  -0.0163 -0.0313 207 GF2 B C4    
300 C C5    . GF2 B 7 ? 0.3043 0.2846 0.3346 0.0195  -0.0118 -0.0283 207 GF2 B C5    
301 C C6    . GF2 B 7 ? 0.3454 0.3219 0.3733 0.0248  -0.0130 -0.0339 207 GF2 B C6    
302 O O6    . GF2 B 7 ? 0.3426 0.3119 0.3566 0.0236  -0.0105 -0.0337 207 GF2 B O6    
303 N N7    . GF2 B 7 ? 0.3249 0.3032 0.3444 0.0127  -0.0090 -0.0207 207 GF2 B N7    
304 C C8    . GF2 B 7 ? 0.3025 0.2854 0.3360 0.0114  -0.0114 -0.0183 207 GF2 B C8    
305 N N9    . GF2 B 7 ? 0.2747 0.2616 0.3253 0.0169  -0.0157 -0.0253 207 GF2 B N9    
306 C "C1'" . GF2 B 7 ? 0.2907 0.2815 0.3620 0.0177  -0.0207 -0.0271 207 GF2 B "C1'" 
307 O OP2   . GF2 B 7 ? 0.3111 0.2906 0.3236 -0.0126 -0.0062 0.0096  207 GF2 B OP2   
308 C "C2'" . GF2 B 7 ? 0.2647 0.2616 0.3595 0.0139  -0.0176 -0.0265 207 GF2 B "C2'" 
309 O OP1   . GF2 B 7 ? 0.3128 0.2982 0.3623 -0.0197 -0.0121 0.0235  207 GF2 B OP1   
310 C "C3'" . GF2 B 7 ? 0.3016 0.2987 0.3932 0.0046  -0.0122 -0.0145 207 GF2 B "C3'" 
311 O "O3'" . GF2 B 7 ? 0.3083 0.3115 0.4252 -0.0003 -0.0106 -0.0102 207 GF2 B "O3'" 
312 C "C4'" . GF2 B 7 ? 0.2871 0.2797 0.3757 0.0062  -0.0190 -0.0134 207 GF2 B "C4'" 
313 O "O4'" . GF2 B 7 ? 0.2945 0.2838 0.3649 0.0131  -0.0210 -0.0199 207 GF2 B "O4'" 
314 C "C5'" . GF2 B 7 ? 0.2798 0.2696 0.3582 -0.0014 -0.0173 -0.0013 207 GF2 B "C5'" 
315 O "O5'" . GF2 B 7 ? 0.3180 0.3050 0.3716 -0.0042 -0.0115 0.0013  207 GF2 B "O5'" 
316 P P     . G   B 8 ? 0.3287 0.3394 0.4466 -0.0069 0.0016  -0.0043 208 G   B P     
317 O OP1   . G   B 8 ? 0.3463 0.3634 0.4931 -0.0132 0.0017  0.0037  208 G   B OP1   
318 O OP2   . G   B 8 ? 0.3616 0.3688 0.4477 -0.0108 0.0083  0.0005  208 G   B OP2   
319 O "O5'" . G   B 8 ? 0.2933 0.3073 0.4174 0.0012  0.0024  -0.0168 208 G   B "O5'" 
320 C "C5'" . G   B 8 ? 0.2614 0.2786 0.4140 0.0063  -0.0057 -0.0244 208 G   B "C5'" 
321 C "C4'" . G   B 8 ? 0.2571 0.2775 0.4147 0.0132  -0.0050 -0.0341 208 G   B "C4'" 
322 O "O4'" . G   B 8 ? 0.2197 0.2311 0.3505 0.0193  -0.0094 -0.0390 208 G   B "O4'" 
323 C "C3'" . G   B 8 ? 0.2653 0.2944 0.4255 0.0102  0.0094  -0.0326 208 G   B "C3'" 
324 O "O3'" . G   B 8 ? 0.2749 0.3165 0.4691 0.0056  0.0146  -0.0289 208 G   B "O3'" 
325 C "C2'" . G   B 8 ? 0.2985 0.3244 0.4554 0.0196  0.0054  -0.0434 208 G   B "C2'" 
326 O "O2'" . G   B 8 ? 0.2859 0.3168 0.4733 0.0250  -0.0031 -0.0504 208 G   B "O2'" 
327 C "C1'" . G   B 8 ? 0.2214 0.2342 0.3504 0.0231  -0.0045 -0.0440 208 G   B "C1'" 
328 N N9    . G   B 8 ? 0.2455 0.2516 0.3447 0.0209  0.0020  -0.0409 208 G   B N9    
329 C C8    . G   B 8 ? 0.2910 0.2940 0.3708 0.0137  0.0066  -0.0328 208 G   B C8    
330 N N7    . G   B 8 ? 0.3111 0.3074 0.3677 0.0136  0.0099  -0.0335 208 G   B N7    
331 C C5    . G   B 8 ? 0.3150 0.3095 0.3774 0.0210  0.0080  -0.0423 208 G   B C5    
332 C C6    . G   B 8 ? 0.3331 0.3194 0.3819 0.0246  0.0080  -0.0471 208 G   B C6    
333 O O6    . G   B 8 ? 0.3686 0.3474 0.3958 0.0213  0.0103  -0.0458 208 G   B O6    
334 N N1    . G   B 8 ? 0.3517 0.3385 0.4179 0.0325  0.0036  -0.0547 208 G   B N1    
335 C C2    . G   B 8 ? 0.3006 0.2951 0.3923 0.0366  -0.0014 -0.0574 208 G   B C2    
336 N N2    . G   B 8 ? 0.2946 0.2878 0.4012 0.0442  -0.0077 -0.0639 208 G   B N2    
337 N N3    . G   B 8 ? 0.3229 0.3245 0.4265 0.0331  -0.0021 -0.0539 208 G   B N3    
338 C C4    . G   B 8 ? 0.2838 0.2846 0.3718 0.0256  0.0027  -0.0463 208 G   B C4    
# 
loop_
_pdbx_poly_seq_scheme.asym_id 
_pdbx_poly_seq_scheme.entity_id 
_pdbx_poly_seq_scheme.seq_id 
_pdbx_poly_seq_scheme.mon_id 
_pdbx_poly_seq_scheme.ndb_seq_num 
_pdbx_poly_seq_scheme.pdb_seq_num 
_pdbx_poly_seq_scheme.auth_seq_num 
_pdbx_poly_seq_scheme.pdb_mon_id 
_pdbx_poly_seq_scheme.auth_mon_id 
_pdbx_poly_seq_scheme.pdb_strand_id 
_pdbx_poly_seq_scheme.pdb_ins_code 
_pdbx_poly_seq_scheme.hetero 
A 1 1 CFZ 1 101 101 CFZ CFZ A . n 
A 1 2 C   2 102 102 C   C   A . n 
A 1 3 CFZ 3 103 103 CFZ CFZ A . n 
A 1 4 C   4 104 104 C   C   A . n 
A 1 5 GF2 5 105 105 GF2 GF2 A . n 
A 1 6 G   6 106 106 G   G   A . n 
A 1 7 GF2 7 107 107 GF2 GF2 A . n 
A 1 8 G   8 108 108 G   G   A . n 
B 1 1 CFZ 1 201 201 CFZ CFZ B . n 
B 1 2 C   2 202 202 C   C   B . n 
B 1 3 CFZ 3 203 203 CFZ CFZ B . n 
B 1 4 C   4 204 204 C   C   B . n 
B 1 5 GF2 5 205 205 GF2 GF2 B . n 
B 1 6 G   6 206 206 G   G   B . n 
B 1 7 GF2 7 207 207 GF2 GF2 B . n 
B 1 8 G   8 208 208 G   G   B . n 
# 
loop_
_pdbx_nonpoly_scheme.asym_id 
_pdbx_nonpoly_scheme.entity_id 
_pdbx_nonpoly_scheme.mon_id 
_pdbx_nonpoly_scheme.ndb_seq_num 
_pdbx_nonpoly_scheme.pdb_seq_num 
_pdbx_nonpoly_scheme.auth_seq_num 
_pdbx_nonpoly_scheme.pdb_mon_id 
_pdbx_nonpoly_scheme.auth_mon_id 
_pdbx_nonpoly_scheme.pdb_strand_id 
_pdbx_nonpoly_scheme.pdb_ins_code 
C 2 HOH 1  7  7  HOH HOH A . 
C 2 HOH 2  8  8  HOH HOH A . 
C 2 HOH 3  9  9  HOH HOH A . 
C 2 HOH 4  10 10 HOH HOH A . 
C 2 HOH 5  15 15 HOH HOH A . 
C 2 HOH 6  18 18 HOH HOH A . 
C 2 HOH 7  19 19 HOH HOH A . 
C 2 HOH 8  20 20 HOH HOH A . 
C 2 HOH 9  21 21 HOH HOH A . 
C 2 HOH 10 22 22 HOH HOH A . 
C 2 HOH 11 23 23 HOH HOH A . 
C 2 HOH 12 25 25 HOH HOH A . 
C 2 HOH 13 26 26 HOH HOH A . 
C 2 HOH 14 27 27 HOH HOH A . 
D 2 HOH 1  1  1  HOH HOH B . 
D 2 HOH 2  2  2  HOH HOH B . 
D 2 HOH 3  3  3  HOH HOH B . 
D 2 HOH 4  4  4  HOH HOH B . 
D 2 HOH 5  5  5  HOH HOH B . 
D 2 HOH 6  6  6  HOH HOH B . 
D 2 HOH 7  11 11 HOH HOH B . 
D 2 HOH 8  12 12 HOH HOH B . 
D 2 HOH 9  13 13 HOH HOH B . 
D 2 HOH 10 14 14 HOH HOH B . 
D 2 HOH 11 16 16 HOH HOH B . 
D 2 HOH 12 17 17 HOH HOH B . 
D 2 HOH 13 24 24 HOH HOH B . 
D 2 HOH 14 28 28 HOH HOH B . 
# 
loop_
_pdbx_struct_mod_residue.id 
_pdbx_struct_mod_residue.label_asym_id 
_pdbx_struct_mod_residue.label_comp_id 
_pdbx_struct_mod_residue.label_seq_id 
_pdbx_struct_mod_residue.auth_asym_id 
_pdbx_struct_mod_residue.auth_comp_id 
_pdbx_struct_mod_residue.auth_seq_id 
_pdbx_struct_mod_residue.PDB_ins_code 
_pdbx_struct_mod_residue.parent_comp_id 
_pdbx_struct_mod_residue.details 
1 A CFZ 1 A CFZ 101 ? DC ? 
2 A CFZ 3 A CFZ 103 ? DC ? 
3 A GF2 5 A GF2 105 ? DG ? 
4 A GF2 7 A GF2 107 ? DG ? 
5 B CFZ 1 B CFZ 201 ? DC ? 
6 B CFZ 3 B CFZ 203 ? DC ? 
7 B GF2 5 B GF2 205 ? DG ? 
8 B GF2 7 B GF2 207 ? DG ? 
# 
_pdbx_struct_assembly.id                   1 
_pdbx_struct_assembly.details              author_defined_assembly 
_pdbx_struct_assembly.method_details       ? 
_pdbx_struct_assembly.oligomeric_details   dimeric 
_pdbx_struct_assembly.oligomeric_count     2 
# 
_pdbx_struct_assembly_gen.assembly_id       1 
_pdbx_struct_assembly_gen.oper_expression   1 
_pdbx_struct_assembly_gen.asym_id_list      A,B,C,D 
# 
_pdbx_struct_oper_list.id                   1 
_pdbx_struct_oper_list.type                 'identity operation' 
_pdbx_struct_oper_list.name                 1_555 
_pdbx_struct_oper_list.symmetry_operation   x,y,z 
_pdbx_struct_oper_list.matrix[1][1]         1.0000000000 
_pdbx_struct_oper_list.matrix[1][2]         0.0000000000 
_pdbx_struct_oper_list.matrix[1][3]         0.0000000000 
_pdbx_struct_oper_list.vector[1]            0.0000000000 
_pdbx_struct_oper_list.matrix[2][1]         0.0000000000 
_pdbx_struct_oper_list.matrix[2][2]         1.0000000000 
_pdbx_struct_oper_list.matrix[2][3]         0.0000000000 
_pdbx_struct_oper_list.vector[2]            0.0000000000 
_pdbx_struct_oper_list.matrix[3][1]         0.0000000000 
_pdbx_struct_oper_list.matrix[3][2]         0.0000000000 
_pdbx_struct_oper_list.matrix[3][3]         1.0000000000 
_pdbx_struct_oper_list.vector[3]            0.0000000000 
# 
loop_
_pdbx_struct_special_symmetry.id 
_pdbx_struct_special_symmetry.PDB_model_num 
_pdbx_struct_special_symmetry.auth_asym_id 
_pdbx_struct_special_symmetry.auth_comp_id 
_pdbx_struct_special_symmetry.auth_seq_id 
_pdbx_struct_special_symmetry.PDB_ins_code 
_pdbx_struct_special_symmetry.label_asym_id 
_pdbx_struct_special_symmetry.label_comp_id 
_pdbx_struct_special_symmetry.label_seq_id 
1 1 A HOH 15 ? C HOH . 
2 1 B HOH 13 ? D HOH . 
# 
loop_
_pdbx_audit_revision_history.ordinal 
_pdbx_audit_revision_history.data_content_type 
_pdbx_audit_revision_history.major_revision 
_pdbx_audit_revision_history.minor_revision 
_pdbx_audit_revision_history.revision_date 
1 'Structure model' 1 0 2011-01-05 
2 'Structure model' 1 1 2011-07-13 
3 'Structure model' 1 2 2023-09-06 
# 
_pdbx_audit_revision_details.ordinal             1 
_pdbx_audit_revision_details.revision_ordinal    1 
_pdbx_audit_revision_details.data_content_type   'Structure model' 
_pdbx_audit_revision_details.provider            repository 
_pdbx_audit_revision_details.type                'Initial release' 
_pdbx_audit_revision_details.description         ? 
_pdbx_audit_revision_details.details             ? 
# 
loop_
_pdbx_audit_revision_group.ordinal 
_pdbx_audit_revision_group.revision_ordinal 
_pdbx_audit_revision_group.data_content_type 
_pdbx_audit_revision_group.group 
1 2 'Structure model' 'Version format compliance' 
2 3 'Structure model' 'Data collection'           
3 3 'Structure model' 'Database references'       
4 3 'Structure model' 'Derived calculations'      
5 3 'Structure model' 'Refinement description'    
# 
loop_
_pdbx_audit_revision_category.ordinal 
_pdbx_audit_revision_category.revision_ordinal 
_pdbx_audit_revision_category.data_content_type 
_pdbx_audit_revision_category.category 
1 3 'Structure model' chem_comp_atom                
2 3 'Structure model' chem_comp_bond                
3 3 'Structure model' database_2                    
4 3 'Structure model' pdbx_initial_refinement_model 
5 3 'Structure model' struct_conn                   
# 
loop_
_pdbx_audit_revision_item.ordinal 
_pdbx_audit_revision_item.revision_ordinal 
_pdbx_audit_revision_item.data_content_type 
_pdbx_audit_revision_item.item 
1 3 'Structure model' '_database_2.pdbx_DOI'                
2 3 'Structure model' '_database_2.pdbx_database_accession' 
3 3 'Structure model' '_struct_conn.pdbx_leaving_atom_flag' 
# 
_pdbx_refine_tls.pdbx_refine_id   'X-RAY DIFFRACTION' 
_pdbx_refine_tls.id               1 
_pdbx_refine_tls.details          ? 
_pdbx_refine_tls.method           refined 
_pdbx_refine_tls.origin_x         0.0665 
_pdbx_refine_tls.origin_y         -0.0116 
_pdbx_refine_tls.origin_z         -0.0232 
_pdbx_refine_tls.T[1][1]          0.1003 
_pdbx_refine_tls.T[2][2]          0.0549 
_pdbx_refine_tls.T[3][3]          0.0563 
_pdbx_refine_tls.T[1][2]          0.0268 
_pdbx_refine_tls.T[1][3]          -0.0323 
_pdbx_refine_tls.T[2][3]          0.0025 
_pdbx_refine_tls.L[1][1]          3.0524 
_pdbx_refine_tls.L[2][2]          2.6906 
_pdbx_refine_tls.L[3][3]          0.9017 
_pdbx_refine_tls.L[1][2]          0.0953 
_pdbx_refine_tls.L[1][3]          0.8579 
_pdbx_refine_tls.L[2][3]          -0.1638 
_pdbx_refine_tls.S[1][1]          -0.0176 
_pdbx_refine_tls.S[1][2]          -0.2220 
_pdbx_refine_tls.S[1][3]          -0.1015 
_pdbx_refine_tls.S[2][1]          0.1206 
_pdbx_refine_tls.S[2][2]          0.1890 
_pdbx_refine_tls.S[2][3]          -0.1116 
_pdbx_refine_tls.S[3][1]          0.1906 
_pdbx_refine_tls.S[3][2]          -0.0429 
_pdbx_refine_tls.S[3][3]          -0.1714 
# 
loop_
_pdbx_refine_tls_group.pdbx_refine_id 
_pdbx_refine_tls_group.id 
_pdbx_refine_tls_group.refine_tls_id 
_pdbx_refine_tls_group.beg_auth_asym_id 
_pdbx_refine_tls_group.beg_auth_seq_id 
_pdbx_refine_tls_group.end_auth_asym_id 
_pdbx_refine_tls_group.end_auth_seq_id 
_pdbx_refine_tls_group.selection_details 
_pdbx_refine_tls_group.beg_label_asym_id 
_pdbx_refine_tls_group.beg_label_seq_id 
_pdbx_refine_tls_group.end_label_asym_id 
_pdbx_refine_tls_group.end_label_seq_id 
_pdbx_refine_tls_group.selection 
'X-RAY DIFFRACTION' 1 1 B 1   B 28  ? . . . . ? 
'X-RAY DIFFRACTION' 2 1 A 7   A 27  ? . . . . ? 
'X-RAY DIFFRACTION' 3 1 B 201 B 208 ? . . . . ? 
'X-RAY DIFFRACTION' 4 1 A 101 A 108 ? . . . . ? 
# 
loop_
_software.name 
_software.classification 
_software.version 
_software.citation_id 
_software.pdbx_ordinal 
MAR345dtb 'data collection' .        ? 1 
MOLREP    phasing           .        ? 2 
CCP4      'model building'  .        ? 3 
REFMAC    refinement        5.5.0109 ? 4 
HKL-2000  'data reduction'  .        ? 5 
HKL-2000  'data scaling'    .        ? 6 
CCP4      phasing           .        ? 7 
# 
_pdbx_validate_rmsd_angle.id                         1 
_pdbx_validate_rmsd_angle.PDB_model_num              1 
_pdbx_validate_rmsd_angle.auth_atom_id_1             "O4'" 
_pdbx_validate_rmsd_angle.auth_asym_id_1             A 
_pdbx_validate_rmsd_angle.auth_comp_id_1             G 
_pdbx_validate_rmsd_angle.auth_seq_id_1              106 
_pdbx_validate_rmsd_angle.PDB_ins_code_1             ? 
_pdbx_validate_rmsd_angle.label_alt_id_1             ? 
_pdbx_validate_rmsd_angle.auth_atom_id_2             "C1'" 
_pdbx_validate_rmsd_angle.auth_asym_id_2             A 
_pdbx_validate_rmsd_angle.auth_comp_id_2             G 
_pdbx_validate_rmsd_angle.auth_seq_id_2              106 
_pdbx_validate_rmsd_angle.PDB_ins_code_2             ? 
_pdbx_validate_rmsd_angle.label_alt_id_2             ? 
_pdbx_validate_rmsd_angle.auth_atom_id_3             N9 
_pdbx_validate_rmsd_angle.auth_asym_id_3             A 
_pdbx_validate_rmsd_angle.auth_comp_id_3             G 
_pdbx_validate_rmsd_angle.auth_seq_id_3              106 
_pdbx_validate_rmsd_angle.PDB_ins_code_3             ? 
_pdbx_validate_rmsd_angle.label_alt_id_3             ? 
_pdbx_validate_rmsd_angle.angle_value                112.79 
_pdbx_validate_rmsd_angle.angle_target_value         108.50 
_pdbx_validate_rmsd_angle.angle_deviation            4.29 
_pdbx_validate_rmsd_angle.angle_standard_deviation   0.70 
_pdbx_validate_rmsd_angle.linker_flag                N 
# 
loop_
_chem_comp_atom.comp_id 
_chem_comp_atom.atom_id 
_chem_comp_atom.type_symbol 
_chem_comp_atom.pdbx_aromatic_flag 
_chem_comp_atom.pdbx_stereo_config 
_chem_comp_atom.pdbx_ordinal 
C   OP3    O N N 1   
C   P      P N N 2   
C   OP1    O N N 3   
C   OP2    O N N 4   
C   "O5'"  O N N 5   
C   "C5'"  C N N 6   
C   "C4'"  C N R 7   
C   "O4'"  O N N 8   
C   "C3'"  C N S 9   
C   "O3'"  O N N 10  
C   "C2'"  C N R 11  
C   "O2'"  O N N 12  
C   "C1'"  C N R 13  
C   N1     N N N 14  
C   C2     C N N 15  
C   O2     O N N 16  
C   N3     N N N 17  
C   C4     C N N 18  
C   N4     N N N 19  
C   C5     C N N 20  
C   C6     C N N 21  
C   HOP3   H N N 22  
C   HOP2   H N N 23  
C   "H5'"  H N N 24  
C   "H5''" H N N 25  
C   "H4'"  H N N 26  
C   "H3'"  H N N 27  
C   "HO3'" H N N 28  
C   "H2'"  H N N 29  
C   "HO2'" H N N 30  
C   "H1'"  H N N 31  
C   H41    H N N 32  
C   H42    H N N 33  
C   H5     H N N 34  
C   H6     H N N 35  
CFZ P      P N N 36  
CFZ N1     N N N 37  
CFZ C2     C N N 38  
CFZ O2     O N N 39  
CFZ N3     N N N 40  
CFZ C4     C N N 41  
CFZ N4     N N N 42  
CFZ C5     C N N 43  
CFZ C6     C N N 44  
CFZ "C1'"  C N R 45  
CFZ O1P    O N N 46  
CFZ "C2'"  C N R 47  
CFZ "F2'"  F N N 48  
CFZ O2P    O N N 49  
CFZ "C3'"  C N R 50  
CFZ "O3'"  O N N 51  
CFZ O3P    O N N 52  
CFZ "C4'"  C N R 53  
CFZ "O4'"  O N N 54  
CFZ "C5'"  C N N 55  
CFZ "O5'"  O N N 56  
CFZ HN4    H N N 57  
CFZ HN4A   H N N 58  
CFZ H5     H N N 59  
CFZ H6     H N N 60  
CFZ "H1'"  H N N 61  
CFZ HO1P   H N N 62  
CFZ "H2'"  H N N 63  
CFZ "H3'"  H N N 64  
CFZ "HO3'" H N N 65  
CFZ HO3P   H N N 66  
CFZ "H4'"  H N N 67  
CFZ "H5'"  H N N 68  
CFZ "H5'A" H N N 69  
G   OP3    O N N 70  
G   P      P N N 71  
G   OP1    O N N 72  
G   OP2    O N N 73  
G   "O5'"  O N N 74  
G   "C5'"  C N N 75  
G   "C4'"  C N R 76  
G   "O4'"  O N N 77  
G   "C3'"  C N S 78  
G   "O3'"  O N N 79  
G   "C2'"  C N R 80  
G   "O2'"  O N N 81  
G   "C1'"  C N R 82  
G   N9     N Y N 83  
G   C8     C Y N 84  
G   N7     N Y N 85  
G   C5     C Y N 86  
G   C6     C N N 87  
G   O6     O N N 88  
G   N1     N N N 89  
G   C2     C N N 90  
G   N2     N N N 91  
G   N3     N N N 92  
G   C4     C Y N 93  
G   HOP3   H N N 94  
G   HOP2   H N N 95  
G   "H5'"  H N N 96  
G   "H5''" H N N 97  
G   "H4'"  H N N 98  
G   "H3'"  H N N 99  
G   "HO3'" H N N 100 
G   "H2'"  H N N 101 
G   "HO2'" H N N 102 
G   "H1'"  H N N 103 
G   H8     H N N 104 
G   H1     H N N 105 
G   H21    H N N 106 
G   H22    H N N 107 
GF2 F      F N N 108 
GF2 P      P N N 109 
GF2 N1     N N N 110 
GF2 C2     C N N 111 
GF2 N2     N N N 112 
GF2 N3     N N N 113 
GF2 C4     C Y N 114 
GF2 C5     C Y N 115 
GF2 C6     C N N 116 
GF2 O6     O N N 117 
GF2 N7     N Y N 118 
GF2 C8     C Y N 119 
GF2 N9     N Y N 120 
GF2 "C1'"  C N R 121 
GF2 OP2    O N N 122 
GF2 "C2'"  C N R 123 
GF2 OP1    O N N 124 
GF2 "C3'"  C N R 125 
GF2 "O3'"  O N N 126 
GF2 "C4'"  C N R 127 
GF2 "O4'"  O N N 128 
GF2 "C5'"  C N N 129 
GF2 "O5'"  O N N 130 
GF2 OP3    O N N 131 
GF2 HN1    H N N 132 
GF2 HN2    H N N 133 
GF2 HN2A   H N N 134 
GF2 H8     H N N 135 
GF2 "H1'"  H N N 136 
GF2 HOP2   H N N 137 
GF2 "H2'"  H N N 138 
GF2 "H3'"  H N N 139 
GF2 "HO3'" H N N 140 
GF2 "H4'"  H N N 141 
GF2 "H5'"  H N N 142 
GF2 "H5'A" H N N 143 
GF2 HOP3   H N N 144 
HOH O      O N N 145 
HOH H1     H N N 146 
HOH H2     H N N 147 
# 
loop_
_chem_comp_bond.comp_id 
_chem_comp_bond.atom_id_1 
_chem_comp_bond.atom_id_2 
_chem_comp_bond.value_order 
_chem_comp_bond.pdbx_aromatic_flag 
_chem_comp_bond.pdbx_stereo_config 
_chem_comp_bond.pdbx_ordinal 
C   OP3   P      sing N N 1   
C   OP3   HOP3   sing N N 2   
C   P     OP1    doub N N 3   
C   P     OP2    sing N N 4   
C   P     "O5'"  sing N N 5   
C   OP2   HOP2   sing N N 6   
C   "O5'" "C5'"  sing N N 7   
C   "C5'" "C4'"  sing N N 8   
C   "C5'" "H5'"  sing N N 9   
C   "C5'" "H5''" sing N N 10  
C   "C4'" "O4'"  sing N N 11  
C   "C4'" "C3'"  sing N N 12  
C   "C4'" "H4'"  sing N N 13  
C   "O4'" "C1'"  sing N N 14  
C   "C3'" "O3'"  sing N N 15  
C   "C3'" "C2'"  sing N N 16  
C   "C3'" "H3'"  sing N N 17  
C   "O3'" "HO3'" sing N N 18  
C   "C2'" "O2'"  sing N N 19  
C   "C2'" "C1'"  sing N N 20  
C   "C2'" "H2'"  sing N N 21  
C   "O2'" "HO2'" sing N N 22  
C   "C1'" N1     sing N N 23  
C   "C1'" "H1'"  sing N N 24  
C   N1    C2     sing N N 25  
C   N1    C6     sing N N 26  
C   C2    O2     doub N N 27  
C   C2    N3     sing N N 28  
C   N3    C4     doub N N 29  
C   C4    N4     sing N N 30  
C   C4    C5     sing N N 31  
C   N4    H41    sing N N 32  
C   N4    H42    sing N N 33  
C   C5    C6     doub N N 34  
C   C5    H5     sing N N 35  
C   C6    H6     sing N N 36  
CFZ O2P   P      doub N N 37  
CFZ P     "O5'"  sing N N 38  
CFZ P     O1P    sing N N 39  
CFZ P     O3P    sing N N 40  
CFZ C6    N1     sing N N 41  
CFZ C2    N1     sing N N 42  
CFZ N1    "C1'"  sing N N 43  
CFZ N3    C2     sing N N 44  
CFZ C2    O2     doub N N 45  
CFZ C4    N3     doub N N 46  
CFZ N4    C4     sing N N 47  
CFZ C4    C5     sing N N 48  
CFZ N4    HN4    sing N N 49  
CFZ N4    HN4A   sing N N 50  
CFZ C5    C6     doub N N 51  
CFZ C5    H5     sing N N 52  
CFZ C6    H6     sing N N 53  
CFZ "C2'" "C1'"  sing N N 54  
CFZ "C1'" "O4'"  sing N N 55  
CFZ "C1'" "H1'"  sing N N 56  
CFZ O1P   HO1P   sing N N 57  
CFZ "C3'" "C2'"  sing N N 58  
CFZ "C2'" "F2'"  sing N N 59  
CFZ "C2'" "H2'"  sing N N 60  
CFZ "C3'" "O3'"  sing N N 61  
CFZ "C3'" "C4'"  sing N N 62  
CFZ "C3'" "H3'"  sing N N 63  
CFZ "O3'" "HO3'" sing N N 64  
CFZ O3P   HO3P   sing N N 65  
CFZ "O4'" "C4'"  sing N N 66  
CFZ "C5'" "C4'"  sing N N 67  
CFZ "C4'" "H4'"  sing N N 68  
CFZ "O5'" "C5'"  sing N N 69  
CFZ "C5'" "H5'"  sing N N 70  
CFZ "C5'" "H5'A" sing N N 71  
G   OP3   P      sing N N 72  
G   OP3   HOP3   sing N N 73  
G   P     OP1    doub N N 74  
G   P     OP2    sing N N 75  
G   P     "O5'"  sing N N 76  
G   OP2   HOP2   sing N N 77  
G   "O5'" "C5'"  sing N N 78  
G   "C5'" "C4'"  sing N N 79  
G   "C5'" "H5'"  sing N N 80  
G   "C5'" "H5''" sing N N 81  
G   "C4'" "O4'"  sing N N 82  
G   "C4'" "C3'"  sing N N 83  
G   "C4'" "H4'"  sing N N 84  
G   "O4'" "C1'"  sing N N 85  
G   "C3'" "O3'"  sing N N 86  
G   "C3'" "C2'"  sing N N 87  
G   "C3'" "H3'"  sing N N 88  
G   "O3'" "HO3'" sing N N 89  
G   "C2'" "O2'"  sing N N 90  
G   "C2'" "C1'"  sing N N 91  
G   "C2'" "H2'"  sing N N 92  
G   "O2'" "HO2'" sing N N 93  
G   "C1'" N9     sing N N 94  
G   "C1'" "H1'"  sing N N 95  
G   N9    C8     sing Y N 96  
G   N9    C4     sing Y N 97  
G   C8    N7     doub Y N 98  
G   C8    H8     sing N N 99  
G   N7    C5     sing Y N 100 
G   C5    C6     sing N N 101 
G   C5    C4     doub Y N 102 
G   C6    O6     doub N N 103 
G   C6    N1     sing N N 104 
G   N1    C2     sing N N 105 
G   N1    H1     sing N N 106 
G   C2    N2     sing N N 107 
G   C2    N3     doub N N 108 
G   N2    H21    sing N N 109 
G   N2    H22    sing N N 110 
G   N3    C4     sing N N 111 
GF2 P     "O5'"  sing N N 112 
GF2 N1    C2     sing N N 113 
GF2 C2    N3     doub N N 114 
GF2 C2    N2     sing N N 115 
GF2 C4    N3     sing N N 116 
GF2 C5    C4     doub Y N 117 
GF2 C6    N1     sing N N 118 
GF2 C6    C5     sing N N 119 
GF2 O6    C6     doub N N 120 
GF2 N7    C5     sing Y N 121 
GF2 N7    C8     doub Y N 122 
GF2 C8    N9     sing Y N 123 
GF2 N9    C4     sing Y N 124 
GF2 N9    "C1'"  sing N N 125 
GF2 "C1'" "O4'"  sing N N 126 
GF2 OP2   P      sing N N 127 
GF2 "C2'" F      sing N N 128 
GF2 "C2'" "C1'"  sing N N 129 
GF2 OP1   P      doub N N 130 
GF2 "C3'" "C2'"  sing N N 131 
GF2 "C3'" "C4'"  sing N N 132 
GF2 "O3'" "C3'"  sing N N 133 
GF2 "C4'" "O4'"  sing N N 134 
GF2 "C5'" "C4'"  sing N N 135 
GF2 "O5'" "C5'"  sing N N 136 
GF2 P     OP3    sing N N 137 
GF2 N1    HN1    sing N N 138 
GF2 N2    HN2    sing N N 139 
GF2 N2    HN2A   sing N N 140 
GF2 C8    H8     sing N N 141 
GF2 "C1'" "H1'"  sing N N 142 
GF2 OP2   HOP2   sing N N 143 
GF2 "C2'" "H2'"  sing N N 144 
GF2 "C3'" "H3'"  sing N N 145 
GF2 "O3'" "HO3'" sing N N 146 
GF2 "C4'" "H4'"  sing N N 147 
GF2 "C5'" "H5'"  sing N N 148 
GF2 "C5'" "H5'A" sing N N 149 
GF2 OP3   HOP3   sing N N 150 
HOH O     H1     sing N N 151 
HOH O     H2     sing N N 152 
# 
_pdbx_entity_nonpoly.entity_id   2 
_pdbx_entity_nonpoly.name        water 
_pdbx_entity_nonpoly.comp_id     HOH 
# 
_pdbx_initial_refinement_model.id               1 
_pdbx_initial_refinement_model.entity_id_list   ? 
_pdbx_initial_refinement_model.type             'experimental model' 
_pdbx_initial_refinement_model.source_name      PDB 
_pdbx_initial_refinement_model.accession_code   1RXB 
_pdbx_initial_refinement_model.details          'PDB ENTRY 1RXB' 
# 
